data_8AAD
# 
_entry.id   8AAD 
# 
_audit_conform.dict_name       mmcif_pdbx.dic 
_audit_conform.dict_version    5.384 
_audit_conform.dict_location   http://mmcif.pdb.org/dictionaries/ascii/mmcif_pdbx.dic 
# 
loop_
_database_2.database_id 
_database_2.database_code 
_database_2.pdbx_database_accession 
_database_2.pdbx_DOI 
PDB   8AAD         pdb_00008aad 10.2210/pdb8aad/pdb 
WWPDB D_1292123896 ?            ?                   
# 
loop_
_pdbx_audit_revision_history.ordinal 
_pdbx_audit_revision_history.data_content_type 
_pdbx_audit_revision_history.major_revision 
_pdbx_audit_revision_history.minor_revision 
_pdbx_audit_revision_history.revision_date 
1 'Structure model' 1 0 2022-12-07 
2 'Structure model' 1 1 2024-01-31 
# 
_pdbx_audit_revision_details.ordinal             1 
_pdbx_audit_revision_details.revision_ordinal    1 
_pdbx_audit_revision_details.data_content_type   'Structure model' 
_pdbx_audit_revision_details.provider            repository 
_pdbx_audit_revision_details.type                'Initial release' 
_pdbx_audit_revision_details.description         ? 
_pdbx_audit_revision_details.details             ? 
# 
loop_
_pdbx_audit_revision_group.ordinal 
_pdbx_audit_revision_group.revision_ordinal 
_pdbx_audit_revision_group.data_content_type 
_pdbx_audit_revision_group.group 
1 2 'Structure model' 'Data collection'        
2 2 'Structure model' 'Refinement description' 
# 
loop_
_pdbx_audit_revision_category.ordinal 
_pdbx_audit_revision_category.revision_ordinal 
_pdbx_audit_revision_category.data_content_type 
_pdbx_audit_revision_category.category 
1 2 'Structure model' chem_comp_atom                
2 2 'Structure model' chem_comp_bond                
3 2 'Structure model' pdbx_initial_refinement_model 
# 
_pdbx_database_status.status_code                     REL 
_pdbx_database_status.status_code_sf                  REL 
_pdbx_database_status.status_code_mr                  ? 
_pdbx_database_status.entry_id                        8AAD 
_pdbx_database_status.recvd_initial_deposition_date   2022-07-01 
_pdbx_database_status.SG_entry                        N 
_pdbx_database_status.deposit_site                    PDBE 
_pdbx_database_status.process_site                    PDBE 
_pdbx_database_status.status_code_cs                  ? 
_pdbx_database_status.status_code_nmr_data            ? 
_pdbx_database_status.methods_development_category    ? 
_pdbx_database_status.pdb_format_compatible           Y 
# 
loop_
_pdbx_database_related.db_name 
_pdbx_database_related.details 
_pdbx_database_related.db_id 
_pdbx_database_related.content_type 
PDB . 6S15 unspecified 
PDB . 7ZUR unspecified 
# 
loop_
_pdbx_contact_author.id 
_pdbx_contact_author.email 
_pdbx_contact_author.name_first 
_pdbx_contact_author.name_last 
_pdbx_contact_author.name_mi 
_pdbx_contact_author.role 
_pdbx_contact_author.identifier_ORCID 
2 carla.bazzicalupi@unifi.it Carla Bazzicalupi ? 'principal investigator/group leader' 0000-0003-4602-0405 
3 marta.ferraroni@unifi.it   Marta Ferraroni   ? 'principal investigator/group leader' 0000-0001-7258-738X 
# 
loop_
_audit_author.name 
_audit_author.pdbx_ordinal 
_audit_author.identifier_ORCID 
'Ferraroni, M.'   1 ? 
'Bazzicalupi, C.' 2 ? 
'Gratteri, P.'    3 ? 
'Papi, F.'        4 ? 
# 
_citation.abstract                  ? 
_citation.abstract_id_CAS           ? 
_citation.book_id_ISBN              ? 
_citation.book_publisher            ? 
_citation.book_publisher_city       ? 
_citation.book_title                ? 
_citation.coordinate_linkage        ? 
_citation.country                   CH 
_citation.database_id_Medline       ? 
_citation.details                   ? 
_citation.id                        primary 
_citation.journal_abbrev            'Int J Mol Sci' 
_citation.journal_id_ASTM           ? 
_citation.journal_id_CSD            ? 
_citation.journal_id_ISSN           1422-0067 
_citation.journal_full              ? 
_citation.journal_issue             ? 
_citation.journal_volume            23 
_citation.language                  ? 
_citation.page_first                ? 
_citation.page_last                 ? 
_citation.title                     
;Probing the Efficiency of 13-Pyridylalkyl Berberine Derivatives to Human Telomeric G-Quadruplexes Binding: Spectroscopic, Solid State and In Silico Analysis.
;
_citation.year                      2022 
_citation.database_id_CSD           ? 
_citation.pdbx_database_id_DOI      10.3390/ijms232214061 
_citation.pdbx_database_id_PubMed   36430540 
_citation.pdbx_database_id_patent   ? 
_citation.unpublished_flag          ? 
# 
loop_
_citation_author.citation_id 
_citation_author.name 
_citation_author.ordinal 
_citation_author.identifier_ORCID 
primary 'Bazzicalupi, C.' 1 0000-0003-4602-0405 
primary 'Bonardi, A.'     2 0000-0002-5520-740X 
primary 'Biver, T.'       3 0000-0001-8512-8422 
primary 'Ferraroni, M.'   4 0000-0001-7258-738X 
primary 'Papi, F.'        5 ?                   
primary 'Savastano, M.'   6 0000-0002-9780-7542 
primary 'Lombardi, P.'    7 0000-0002-7971-7404 
primary 'Gratteri, P.'    8 0000-0002-9137-2509 
# 
loop_
_entity.id 
_entity.type 
_entity.src_method 
_entity.pdbx_description 
_entity.formula_weight 
_entity.pdbx_number_of_molecules 
_entity.pdbx_ec 
_entity.pdbx_mutation 
_entity.pdbx_fragment 
_entity.details 
1 polymer     syn 'DNA TAGGGTTAGGGT' 3773.462 1 ? ? ? ? 
2 non-polymer syn 'POTASSIUM ION' 39.098   2 ? ? ? ? 
3 non-polymer syn 
;16,17-dimethoxy-21-(2-pyridin-4-ylethyl)-5,7-dioxa-13$l^{4}-azapentacyclo[11.8.0.0^{2,10}.0^{4,8}.0^{15,20}]henicosa-1(13),2,4(8),9,14,16,18,20-octaene
;
441.498  1 ? ? ? ? 
4 water       nat water 18.015   5 ? ? ? ? 
# 
_entity_poly.entity_id                      1 
_entity_poly.type                           polydeoxyribonucleotide 
_entity_poly.nstd_linkage                   no 
_entity_poly.nstd_monomer                   no 
_entity_poly.pdbx_seq_one_letter_code       '(DT)(DA)(DG)(DG)(DG)(DT)(DT)(DA)(DG)(DG)(DG)(DT)' 
_entity_poly.pdbx_seq_one_letter_code_can   TAGGGTTAGGGT 
_entity_poly.pdbx_strand_id                 A 
_entity_poly.pdbx_target_identifier         ? 
# 
loop_
_pdbx_entity_nonpoly.entity_id 
_pdbx_entity_nonpoly.name 
_pdbx_entity_nonpoly.comp_id 
2 'POTASSIUM ION' K   
3 
;16,17-dimethoxy-21-(2-pyridin-4-ylethyl)-5,7-dioxa-13$l^{4}-azapentacyclo[11.8.0.0^{2,10}.0^{4,8}.0^{15,20}]henicosa-1(13),2,4(8),9,14,16,18,20-octaene
;
LKO 
4 water HOH 
# 
loop_
_entity_poly_seq.entity_id 
_entity_poly_seq.num 
_entity_poly_seq.mon_id 
_entity_poly_seq.hetero 
1 1  DT n 
1 2  DA n 
1 3  DG n 
1 4  DG n 
1 5  DG n 
1 6  DT n 
1 7  DT n 
1 8  DA n 
1 9  DG n 
1 10 DG n 
1 11 DG n 
1 12 DT n 
# 
_pdbx_entity_src_syn.entity_id              1 
_pdbx_entity_src_syn.pdbx_src_id            1 
_pdbx_entity_src_syn.pdbx_alt_source_flag   sample 
_pdbx_entity_src_syn.pdbx_beg_seq_num       1 
_pdbx_entity_src_syn.pdbx_end_seq_num       12 
_pdbx_entity_src_syn.organism_scientific    'Homo sapiens' 
_pdbx_entity_src_syn.organism_common_name   ? 
_pdbx_entity_src_syn.ncbi_taxonomy_id       9606 
_pdbx_entity_src_syn.details                ? 
# 
loop_
_chem_comp.id 
_chem_comp.type 
_chem_comp.mon_nstd_flag 
_chem_comp.name 
_chem_comp.pdbx_synonyms 
_chem_comp.formula 
_chem_comp.formula_weight 
DA  'DNA linking' y "2'-DEOXYADENOSINE-5'-MONOPHOSPHATE" ? 'C10 H14 N5 O6 P' 331.222 
DG  'DNA linking' y "2'-DEOXYGUANOSINE-5'-MONOPHOSPHATE" ? 'C10 H14 N5 O7 P' 347.221 
DT  'DNA linking' y "THYMIDINE-5'-MONOPHOSPHATE" ? 'C10 H15 N2 O8 P' 322.208 
HOH non-polymer   . WATER ? 'H2 O'            18.015  
K   non-polymer   . 'POTASSIUM ION' ? 'K 1'             39.098  
LKO non-polymer   . 
;16,17-dimethoxy-21-(2-pyridin-4-ylethyl)-5,7-dioxa-13$l^{4}-azapentacyclo[11.8.0.0^{2,10}.0^{4,8}.0^{15,20}]henicosa-1(13),2,4(8),9,14,16,18,20-octaene
;
? 'C27 H25 N2 O4 1' 441.498 
# 
loop_
_pdbx_poly_seq_scheme.asym_id 
_pdbx_poly_seq_scheme.entity_id 
_pdbx_poly_seq_scheme.seq_id 
_pdbx_poly_seq_scheme.mon_id 
_pdbx_poly_seq_scheme.ndb_seq_num 
_pdbx_poly_seq_scheme.pdb_seq_num 
_pdbx_poly_seq_scheme.auth_seq_num 
_pdbx_poly_seq_scheme.pdb_mon_id 
_pdbx_poly_seq_scheme.auth_mon_id 
_pdbx_poly_seq_scheme.pdb_strand_id 
_pdbx_poly_seq_scheme.pdb_ins_code 
_pdbx_poly_seq_scheme.hetero 
A 1 1  DT 1  1  1  DT DT A . n 
A 1 2  DA 2  2  2  DA DA A . n 
A 1 3  DG 3  3  3  DG DG A . n 
A 1 4  DG 4  4  4  DG DG A . n 
A 1 5  DG 5  5  5  DG DG A . n 
A 1 6  DT 6  6  6  DT DT A . n 
A 1 7  DT 7  7  7  DT DT A . n 
A 1 8  DA 8  8  8  DA DA A . n 
A 1 9  DG 9  9  9  DG DG A . n 
A 1 10 DG 10 10 10 DG DG A . n 
A 1 11 DG 11 11 11 DG DG A . n 
A 1 12 DT 12 12 12 DT DT A . n 
# 
loop_
_pdbx_nonpoly_scheme.asym_id 
_pdbx_nonpoly_scheme.entity_id 
_pdbx_nonpoly_scheme.mon_id 
_pdbx_nonpoly_scheme.ndb_seq_num 
_pdbx_nonpoly_scheme.pdb_seq_num 
_pdbx_nonpoly_scheme.auth_seq_num 
_pdbx_nonpoly_scheme.pdb_mon_id 
_pdbx_nonpoly_scheme.auth_mon_id 
_pdbx_nonpoly_scheme.pdb_strand_id 
_pdbx_nonpoly_scheme.pdb_ins_code 
B 2 K   1 101 1 K   K   A . 
C 2 K   1 102 2 K   K   A . 
D 3 LKO 1 103 1 LKO BNX A . 
E 4 HOH 1 201 1 HOH HOH A . 
E 4 HOH 2 202 6 HOH HOH A . 
E 4 HOH 3 203 5 HOH HOH A . 
E 4 HOH 4 204 4 HOH HOH A . 
E 4 HOH 5 205 3 HOH HOH A . 
# 
loop_
_pdbx_unobs_or_zero_occ_atoms.id 
_pdbx_unobs_or_zero_occ_atoms.PDB_model_num 
_pdbx_unobs_or_zero_occ_atoms.polymer_flag 
_pdbx_unobs_or_zero_occ_atoms.occupancy_flag 
_pdbx_unobs_or_zero_occ_atoms.auth_asym_id 
_pdbx_unobs_or_zero_occ_atoms.auth_comp_id 
_pdbx_unobs_or_zero_occ_atoms.auth_seq_id 
_pdbx_unobs_or_zero_occ_atoms.PDB_ins_code 
_pdbx_unobs_or_zero_occ_atoms.auth_atom_id 
_pdbx_unobs_or_zero_occ_atoms.label_alt_id 
_pdbx_unobs_or_zero_occ_atoms.label_asym_id 
_pdbx_unobs_or_zero_occ_atoms.label_comp_id 
_pdbx_unobs_or_zero_occ_atoms.label_seq_id 
_pdbx_unobs_or_zero_occ_atoms.label_atom_id 
1  1 Y 1 A DT 1  ? "O5'" ? A DT 1  "O5'" 
2  1 Y 1 A DT 1  ? C7    ? A DT 1  C7    
3  1 Y 1 A DT 12 ? "C5'" ? A DT 12 "C5'" 
4  1 Y 1 A DT 12 ? "C4'" ? A DT 12 "C4'" 
5  1 Y 1 A DT 12 ? "O4'" ? A DT 12 "O4'" 
6  1 Y 1 A DT 12 ? "C3'" ? A DT 12 "C3'" 
7  1 Y 1 A DT 12 ? "O3'" ? A DT 12 "O3'" 
8  1 Y 1 A DT 12 ? "C2'" ? A DT 12 "C2'" 
9  1 Y 1 A DT 12 ? "C1'" ? A DT 12 "C1'" 
10 1 Y 1 A DT 12 ? N1    ? A DT 12 N1    
11 1 Y 1 A DT 12 ? C2    ? A DT 12 C2    
12 1 Y 1 A DT 12 ? O2    ? A DT 12 O2    
13 1 Y 1 A DT 12 ? N3    ? A DT 12 N3    
14 1 Y 1 A DT 12 ? C4    ? A DT 12 C4    
15 1 Y 1 A DT 12 ? O4    ? A DT 12 O4    
16 1 Y 1 A DT 12 ? C5    ? A DT 12 C5    
17 1 Y 1 A DT 12 ? C7    ? A DT 12 C7    
18 1 Y 1 A DT 12 ? C6    ? A DT 12 C6    
# 
loop_
_software.citation_id 
_software.classification 
_software.compiler_name 
_software.compiler_version 
_software.contact_author 
_software.contact_author_email 
_software.date 
_software.description 
_software.dependencies 
_software.hardware 
_software.language 
_software.location 
_software.mods 
_software.name 
_software.os 
_software.os_version 
_software.type 
_software.version 
_software.pdbx_ordinal 
? refinement        ? ? ? ? ? ? ? ? ? ? ? REFMAC      ? ? ? 5.8.0189 1 
? 'data reduction'  ? ? ? ? ? ? ? ? ? ? ? XDS         ? ? ? .        2 
? 'data scaling'    ? ? ? ? ? ? ? ? ? ? ? XSCALE      ? ? ? .        3 
? 'data extraction' ? ? ? ? ? ? ? ? ? ? ? PDB_EXTRACT ? ? ? 3.27     4 
? phasing           ? ? ? ? ? ? ? ? ? ? ? PHASER      ? ? ? .        5 
# 
_cell.angle_alpha                  90.000 
_cell.angle_alpha_esd              ? 
_cell.angle_beta                   90.000 
_cell.angle_beta_esd               ? 
_cell.angle_gamma                  90.000 
_cell.angle_gamma_esd              ? 
_cell.entry_id                     8AAD 
_cell.details                      ? 
_cell.formula_units_Z              ? 
_cell.length_a                     41.680 
_cell.length_a_esd                 ? 
_cell.length_b                     41.680 
_cell.length_b_esd                 ? 
_cell.length_c                     34.310 
_cell.length_c_esd                 ? 
_cell.volume                       ? 
_cell.volume_esd                   ? 
_cell.Z_PDB                        8 
_cell.reciprocal_angle_alpha       ? 
_cell.reciprocal_angle_beta        ? 
_cell.reciprocal_angle_gamma       ? 
_cell.reciprocal_angle_alpha_esd   ? 
_cell.reciprocal_angle_beta_esd    ? 
_cell.reciprocal_angle_gamma_esd   ? 
_cell.reciprocal_length_a          ? 
_cell.reciprocal_length_b          ? 
_cell.reciprocal_length_c          ? 
_cell.reciprocal_length_a_esd      ? 
_cell.reciprocal_length_b_esd      ? 
_cell.reciprocal_length_c_esd      ? 
_cell.pdbx_unique_axis             ? 
_cell.pdbx_esd_method              ? 
# 
_symmetry.entry_id                         8AAD 
_symmetry.cell_setting                     ? 
_symmetry.Int_Tables_number                94 
_symmetry.space_group_name_Hall            ? 
_symmetry.space_group_name_H-M             'P 42 21 2' 
_symmetry.pdbx_full_space_group_name_H-M   ? 
# 
_exptl.absorpt_coefficient_mu     ? 
_exptl.absorpt_correction_T_max   ? 
_exptl.absorpt_correction_T_min   ? 
_exptl.absorpt_correction_type    ? 
_exptl.absorpt_process_details    ? 
_exptl.entry_id                   8AAD 
_exptl.crystals_number            1 
_exptl.details                    ? 
_exptl.method                     'X-RAY DIFFRACTION' 
_exptl.method_details             ? 
# 
_exptl_crystal.colour                       ? 
_exptl_crystal.density_diffrn               ? 
_exptl_crystal.density_Matthews             1.90 
_exptl_crystal.density_method               ? 
_exptl_crystal.density_percent_sol          56.40 
_exptl_crystal.description                  ? 
_exptl_crystal.F_000                        ? 
_exptl_crystal.id                           1 
_exptl_crystal.preparation                  ? 
_exptl_crystal.size_max                     ? 
_exptl_crystal.size_mid                     ? 
_exptl_crystal.size_min                     ? 
_exptl_crystal.size_rad                     ? 
_exptl_crystal.colour_lustre                ? 
_exptl_crystal.colour_modifier              ? 
_exptl_crystal.colour_primary               ? 
_exptl_crystal.density_meas                 ? 
_exptl_crystal.density_meas_esd             ? 
_exptl_crystal.density_meas_gt              ? 
_exptl_crystal.density_meas_lt              ? 
_exptl_crystal.density_meas_temp            ? 
_exptl_crystal.density_meas_temp_esd        ? 
_exptl_crystal.density_meas_temp_gt         ? 
_exptl_crystal.density_meas_temp_lt         ? 
_exptl_crystal.pdbx_crystal_image_url       ? 
_exptl_crystal.pdbx_crystal_image_format    ? 
_exptl_crystal.pdbx_mosaicity               ? 
_exptl_crystal.pdbx_mosaicity_esd           ? 
_exptl_crystal.pdbx_mosaic_method           ? 
_exptl_crystal.pdbx_mosaic_block_size       ? 
_exptl_crystal.pdbx_mosaic_block_size_esd   ? 
# 
_exptl_crystal_grow.apparatus       ? 
_exptl_crystal_grow.atmosphere      ? 
_exptl_crystal_grow.crystal_id      1 
_exptl_crystal_grow.details         ? 
_exptl_crystal_grow.method          'VAPOR DIFFUSION, SITTING DROP' 
_exptl_crystal_grow.method_ref      ? 
_exptl_crystal_grow.pH              6.5 
_exptl_crystal_grow.pressure        ? 
_exptl_crystal_grow.pressure_esd    ? 
_exptl_crystal_grow.seeding         ? 
_exptl_crystal_grow.seeding_ref     ? 
_exptl_crystal_grow.temp            296 
_exptl_crystal_grow.temp_details    ? 
_exptl_crystal_grow.temp_esd        ? 
_exptl_crystal_grow.time            ? 
_exptl_crystal_grow.pdbx_details    'NaCacodylate, NaI, MPD' 
_exptl_crystal_grow.pdbx_pH_range   ? 
# 
_diffrn.ambient_environment              ? 
_diffrn.ambient_temp                     100 
_diffrn.ambient_temp_details             ? 
_diffrn.ambient_temp_esd                 ? 
_diffrn.crystal_id                       1 
_diffrn.crystal_support                  ? 
_diffrn.crystal_treatment                ? 
_diffrn.details                          ? 
_diffrn.id                               1 
_diffrn.ambient_pressure                 ? 
_diffrn.ambient_pressure_esd             ? 
_diffrn.ambient_pressure_gt              ? 
_diffrn.ambient_pressure_lt              ? 
_diffrn.ambient_temp_gt                  ? 
_diffrn.ambient_temp_lt                  ? 
_diffrn.pdbx_serial_crystal_experiment   N 
# 
_diffrn_detector.details                      ? 
_diffrn_detector.detector                     PIXEL 
_diffrn_detector.diffrn_id                    1 
_diffrn_detector.type                         'DECTRIS PILATUS3 6M' 
_diffrn_detector.area_resol_mean              ? 
_diffrn_detector.dtime                        ? 
_diffrn_detector.pdbx_frames_total            ? 
_diffrn_detector.pdbx_collection_time_total   ? 
_diffrn_detector.pdbx_collection_date         2016-12-12 
_diffrn_detector.pdbx_frequency               ? 
# 
_diffrn_radiation.collimation                      ? 
_diffrn_radiation.diffrn_id                        1 
_diffrn_radiation.filter_edge                      ? 
_diffrn_radiation.inhomogeneity                    ? 
_diffrn_radiation.monochromator                    ? 
_diffrn_radiation.polarisn_norm                    ? 
_diffrn_radiation.polarisn_ratio                   ? 
_diffrn_radiation.probe                            ? 
_diffrn_radiation.type                             ? 
_diffrn_radiation.xray_symbol                      ? 
_diffrn_radiation.wavelength_id                    1 
_diffrn_radiation.pdbx_monochromatic_or_laue_m_l   M 
_diffrn_radiation.pdbx_wavelength_list             ? 
_diffrn_radiation.pdbx_wavelength                  ? 
_diffrn_radiation.pdbx_diffrn_protocol             'SINGLE WAVELENGTH' 
_diffrn_radiation.pdbx_analyzer                    ? 
_diffrn_radiation.pdbx_scattering_type             x-ray 
# 
_diffrn_radiation_wavelength.id           1 
_diffrn_radiation_wavelength.wavelength   0.97264 
_diffrn_radiation_wavelength.wt           1.0 
# 
_diffrn_source.current                     ? 
_diffrn_source.details                     ? 
_diffrn_source.diffrn_id                   1 
_diffrn_source.power                       ? 
_diffrn_source.size                        ? 
_diffrn_source.source                      SYNCHROTRON 
_diffrn_source.target                      ? 
_diffrn_source.type                        'ESRF BEAMLINE ID30B' 
_diffrn_source.voltage                     ? 
_diffrn_source.take-off_angle              ? 
_diffrn_source.pdbx_wavelength_list        0.97264 
_diffrn_source.pdbx_wavelength             ? 
_diffrn_source.pdbx_synchrotron_beamline   ID30B 
_diffrn_source.pdbx_synchrotron_site       ESRF 
# 
_reflns.B_iso_Wilson_estimate                          ? 
_reflns.entry_id                                       8AAD 
_reflns.data_reduction_details                         ? 
_reflns.data_reduction_method                          ? 
_reflns.d_resolution_high                              2.04 
_reflns.d_resolution_low                               29.470 
_reflns.details                                        ? 
_reflns.limit_h_max                                    ? 
_reflns.limit_h_min                                    ? 
_reflns.limit_k_max                                    ? 
_reflns.limit_k_min                                    ? 
_reflns.limit_l_max                                    ? 
_reflns.limit_l_min                                    ? 
_reflns.number_all                                     ? 
_reflns.number_obs                                     2137 
_reflns.observed_criterion                             ? 
_reflns.observed_criterion_F_max                       ? 
_reflns.observed_criterion_F_min                       ? 
_reflns.observed_criterion_I_max                       ? 
_reflns.observed_criterion_I_min                       ? 
_reflns.observed_criterion_sigma_F                     ? 
_reflns.observed_criterion_sigma_I                     ? 
_reflns.percent_possible_obs                           99.8 
_reflns.R_free_details                                 ? 
_reflns.Rmerge_F_all                                   ? 
_reflns.Rmerge_F_obs                                   ? 
_reflns.Friedel_coverage                               ? 
_reflns.number_gt                                      ? 
_reflns.threshold_expression                           ? 
_reflns.pdbx_redundancy                                22.8 
_reflns.pdbx_Rmerge_I_obs                              ? 
_reflns.pdbx_Rmerge_I_all                              ? 
_reflns.pdbx_Rsym_value                                ? 
_reflns.pdbx_netI_over_av_sigmaI                       ? 
_reflns.pdbx_netI_over_sigmaI                          25.99 
_reflns.pdbx_res_netI_over_av_sigmaI_2                 ? 
_reflns.pdbx_res_netI_over_sigmaI_2                    ? 
_reflns.pdbx_chi_squared                               ? 
_reflns.pdbx_scaling_rejects                           ? 
_reflns.pdbx_d_res_high_opt                            ? 
_reflns.pdbx_d_res_low_opt                             ? 
_reflns.pdbx_d_res_opt_method                          ? 
_reflns.phase_calculation_details                      ? 
_reflns.pdbx_Rrim_I_all                                ? 
_reflns.pdbx_Rpim_I_all                                ? 
_reflns.pdbx_d_opt                                     ? 
_reflns.pdbx_number_measured_all                       ? 
_reflns.pdbx_diffrn_id                                 1 
_reflns.pdbx_ordinal                                   1 
_reflns.pdbx_CC_half                                   1.0 
_reflns.pdbx_CC_star                                   ? 
_reflns.pdbx_R_split                                   ? 
_reflns.pdbx_aniso_diffraction_limit_axis_1_ortho[1]   ? 
_reflns.pdbx_aniso_diffraction_limit_axis_1_ortho[2]   ? 
_reflns.pdbx_aniso_diffraction_limit_axis_1_ortho[3]   ? 
_reflns.pdbx_aniso_diffraction_limit_axis_2_ortho[1]   ? 
_reflns.pdbx_aniso_diffraction_limit_axis_2_ortho[2]   ? 
_reflns.pdbx_aniso_diffraction_limit_axis_2_ortho[3]   ? 
_reflns.pdbx_aniso_diffraction_limit_axis_3_ortho[1]   ? 
_reflns.pdbx_aniso_diffraction_limit_axis_3_ortho[2]   ? 
_reflns.pdbx_aniso_diffraction_limit_axis_3_ortho[3]   ? 
_reflns.pdbx_aniso_diffraction_limit_1                 ? 
_reflns.pdbx_aniso_diffraction_limit_2                 ? 
_reflns.pdbx_aniso_diffraction_limit_3                 ? 
_reflns.pdbx_aniso_B_tensor_eigenvector_1_ortho[1]     ? 
_reflns.pdbx_aniso_B_tensor_eigenvector_1_ortho[2]     ? 
_reflns.pdbx_aniso_B_tensor_eigenvector_1_ortho[3]     ? 
_reflns.pdbx_aniso_B_tensor_eigenvector_2_ortho[1]     ? 
_reflns.pdbx_aniso_B_tensor_eigenvector_2_ortho[2]     ? 
_reflns.pdbx_aniso_B_tensor_eigenvector_2_ortho[3]     ? 
_reflns.pdbx_aniso_B_tensor_eigenvector_3_ortho[1]     ? 
_reflns.pdbx_aniso_B_tensor_eigenvector_3_ortho[2]     ? 
_reflns.pdbx_aniso_B_tensor_eigenvector_3_ortho[3]     ? 
_reflns.pdbx_aniso_B_tensor_eigenvalue_1               ? 
_reflns.pdbx_aniso_B_tensor_eigenvalue_2               ? 
_reflns.pdbx_aniso_B_tensor_eigenvalue_3               ? 
_reflns.pdbx_orthogonalization_convention              ? 
_reflns.pdbx_percent_possible_ellipsoidal              ? 
_reflns.pdbx_percent_possible_spherical                ? 
_reflns.pdbx_percent_possible_ellipsoidal_anomalous    ? 
_reflns.pdbx_percent_possible_spherical_anomalous      ? 
_reflns.pdbx_redundancy_anomalous                      ? 
_reflns.pdbx_CC_half_anomalous                         ? 
_reflns.pdbx_absDiff_over_sigma_anomalous              ? 
_reflns.pdbx_percent_possible_anomalous                ? 
_reflns.pdbx_observed_signal_threshold                 ? 
_reflns.pdbx_signal_type                               ? 
_reflns.pdbx_signal_details                            ? 
_reflns.pdbx_signal_software_id                        ? 
_reflns.pdbx_CC_split_method                           ? 
# 
loop_
_reflns_shell.d_res_high 
_reflns_shell.d_res_low 
_reflns_shell.meanI_over_sigI_all 
_reflns_shell.meanI_over_sigI_obs 
_reflns_shell.number_measured_all 
_reflns_shell.number_measured_obs 
_reflns_shell.number_possible 
_reflns_shell.number_unique_all 
_reflns_shell.number_unique_obs 
_reflns_shell.percent_possible_all 
_reflns_shell.percent_possible_obs 
_reflns_shell.Rmerge_F_all 
_reflns_shell.Rmerge_F_obs 
_reflns_shell.Rmerge_I_all 
_reflns_shell.Rmerge_I_obs 
_reflns_shell.meanI_over_sigI_gt 
_reflns_shell.meanI_over_uI_all 
_reflns_shell.meanI_over_uI_gt 
_reflns_shell.number_measured_gt 
_reflns_shell.number_unique_gt 
_reflns_shell.percent_possible_gt 
_reflns_shell.Rmerge_F_gt 
_reflns_shell.Rmerge_I_gt 
_reflns_shell.pdbx_redundancy 
_reflns_shell.pdbx_Rsym_value 
_reflns_shell.pdbx_chi_squared 
_reflns_shell.pdbx_netI_over_sigmaI_all 
_reflns_shell.pdbx_netI_over_sigmaI_obs 
_reflns_shell.pdbx_Rrim_I_all 
_reflns_shell.pdbx_Rpim_I_all 
_reflns_shell.pdbx_rejects 
_reflns_shell.pdbx_ordinal 
_reflns_shell.pdbx_diffrn_id 
_reflns_shell.pdbx_CC_half 
_reflns_shell.pdbx_CC_star 
_reflns_shell.pdbx_R_split 
_reflns_shell.pdbx_percent_possible_ellipsoidal 
_reflns_shell.pdbx_percent_possible_spherical 
_reflns_shell.pdbx_percent_possible_ellipsoidal_anomalous 
_reflns_shell.pdbx_percent_possible_spherical_anomalous 
_reflns_shell.pdbx_redundancy_anomalous 
_reflns_shell.pdbx_CC_half_anomalous 
_reflns_shell.pdbx_absDiff_over_sigma_anomalous 
_reflns_shell.pdbx_percent_possible_anomalous 
2.04 2.17   ? 12.9  ? ? ? ? 336 99.4    ? ? ? ? ? ? ? ? ? ? ? ? ? 23.6  ? ? ? ? ? ? ? 1 1 0.994 ? ? ? ? ? ? ? ? ? ? 
2.17 2.32   ? 16.38 ? ? ? ? 312 100.000 ? ? ? ? ? ? ? ? ? ? ? ? ? 23.2  ? ? ? ? ? ? ? 2 1 0.998 ? ? ? ? ? ? ? ? ? ? 
2.32 2.50   ? 20.26 ? ? ? ? 288 100.000 ? ? ? ? ? ? ? ? ? ? ? ? ? 24.6  ? ? ? ? ? ? ? 3 1 0.997 ? ? ? ? ? ? ? ? ? ? 
2.50 2.74   ? 26.88 ? ? ? ? 270 100.0   ? ? ? ? ? ? ? ? ? ? ? ? ? 24.3  ? ? ? ? ? ? ? 4 1 0.998 ? ? ? ? ? ? ? ? ? ? 
2.74 3.06   ? 30.5  ? ? ? ? 247 100.000 ? ? ? ? ? ? ? ? ? ? ? ? ? 21.8  ? ? ? ? ? ? ? 5 1 0.998 ? ? ? ? ? ? ? ? ? ? 
3.06 3.52   ? 36.01 ? ? ? ? 227 100.000 ? ? ? ? ? ? ? ? ? ? ? ? ? 22.8  ? ? ? ? ? ? ? 6 1 0.998 ? ? ? ? ? ? ? ? ? ? 
3.52 4.30   ? 37.03 ? ? ? ? 198 99.5    ? ? ? ? ? ? ? ? ? ? ? ? ? 20.79 ? ? ? ? ? ? ? 7 1 0.999 ? ? ? ? ? ? ? ? ? ? 
4.30 6.02   ? 40.01 ? ? ? ? 157 100.000 ? ? ? ? ? ? ? ? ? ? ? ? ? 21.22 ? ? ? ? ? ? ? 8 1 0.993 ? ? ? ? ? ? ? ? ? ? 
6.02 29.470 ? 36.07 ? ? ? ? 102 98.1    ? ? ? ? ? ? ? ? ? ? ? ? ? 17.33 ? ? ? ? ? ? ? 9 1 0.999 ? ? ? ? ? ? ? ? ? ? 
# 
_refine.aniso_B[1][1]                            0.8400 
_refine.aniso_B[1][2]                            -0.0000 
_refine.aniso_B[1][3]                            -0.0000 
_refine.aniso_B[2][2]                            0.8400 
_refine.aniso_B[2][3]                            -0.0000 
_refine.aniso_B[3][3]                            -1.6900 
_refine.B_iso_max                                99.720 
_refine.B_iso_mean                               36.3860 
_refine.B_iso_min                                8.460 
_refine.correlation_coeff_Fo_to_Fc               0.9690 
_refine.correlation_coeff_Fo_to_Fc_free          0.9360 
_refine.details                                  'U VALUES      : REFINED INDIVIDUALLY' 
_refine.diff_density_max                         ? 
_refine.diff_density_max_esd                     ? 
_refine.diff_density_min                         ? 
_refine.diff_density_min_esd                     ? 
_refine.diff_density_rms                         ? 
_refine.diff_density_rms_esd                     ? 
_refine.entry_id                                 8AAD 
_refine.pdbx_refine_id                           'X-RAY DIFFRACTION' 
_refine.ls_abs_structure_details                 ? 
_refine.ls_abs_structure_Flack                   ? 
_refine.ls_abs_structure_Flack_esd               ? 
_refine.ls_abs_structure_Rogers                  ? 
_refine.ls_abs_structure_Rogers_esd              ? 
_refine.ls_d_res_high                            2.0400 
_refine.ls_d_res_low                             29.4700 
_refine.ls_extinction_coef                       ? 
_refine.ls_extinction_coef_esd                   ? 
_refine.ls_extinction_expression                 ? 
_refine.ls_extinction_method                     ? 
_refine.ls_goodness_of_fit_all                   ? 
_refine.ls_goodness_of_fit_all_esd               ? 
_refine.ls_goodness_of_fit_obs                   ? 
_refine.ls_goodness_of_fit_obs_esd               ? 
_refine.ls_hydrogen_treatment                    ? 
_refine.ls_matrix_type                           ? 
_refine.ls_number_constraints                    ? 
_refine.ls_number_parameters                     ? 
_refine.ls_number_reflns_all                     ? 
_refine.ls_number_reflns_obs                     1909 
_refine.ls_number_reflns_R_free                  225 
_refine.ls_number_reflns_R_work                  ? 
_refine.ls_number_restraints                     ? 
_refine.ls_percent_reflns_obs                    99.8600 
_refine.ls_percent_reflns_R_free                 10.5000 
_refine.ls_R_factor_all                          ? 
_refine.ls_R_factor_obs                          0.2636 
_refine.ls_R_factor_R_free                       0.3056 
_refine.ls_R_factor_R_free_error                 ? 
_refine.ls_R_factor_R_free_error_details         ? 
_refine.ls_R_factor_R_work                       0.2586 
_refine.ls_R_Fsqd_factor_obs                     ? 
_refine.ls_R_I_factor_obs                        ? 
_refine.ls_redundancy_reflns_all                 ? 
_refine.ls_redundancy_reflns_obs                 ? 
_refine.ls_restrained_S_all                      ? 
_refine.ls_restrained_S_obs                      ? 
_refine.ls_shift_over_esd_max                    ? 
_refine.ls_shift_over_esd_mean                   ? 
_refine.ls_structure_factor_coef                 ? 
_refine.ls_weighting_details                     ? 
_refine.ls_weighting_scheme                      ? 
_refine.ls_wR_factor_all                         ? 
_refine.ls_wR_factor_obs                         ? 
_refine.ls_wR_factor_R_free                      ? 
_refine.ls_wR_factor_R_work                      ? 
_refine.occupancy_max                            ? 
_refine.occupancy_min                            ? 
_refine.solvent_model_details                    MASK 
_refine.solvent_model_param_bsol                 ? 
_refine.solvent_model_param_ksol                 ? 
_refine.pdbx_R_complete                          ? 
_refine.ls_R_factor_gt                           ? 
_refine.ls_goodness_of_fit_gt                    ? 
_refine.ls_goodness_of_fit_ref                   ? 
_refine.ls_shift_over_su_max                     ? 
_refine.ls_shift_over_su_max_lt                  ? 
_refine.ls_shift_over_su_mean                    ? 
_refine.ls_shift_over_su_mean_lt                 ? 
_refine.pdbx_ls_sigma_I                          ? 
_refine.pdbx_ls_sigma_F                          0.000 
_refine.pdbx_ls_sigma_Fsqd                       ? 
_refine.pdbx_data_cutoff_high_absF               ? 
_refine.pdbx_data_cutoff_high_rms_absF           ? 
_refine.pdbx_data_cutoff_low_absF                ? 
_refine.pdbx_isotropic_thermal_model             ? 
_refine.pdbx_ls_cross_valid_method               THROUGHOUT 
_refine.pdbx_method_to_determine_struct          'MOLECULAR REPLACEMENT' 
_refine.pdbx_starting_model                      5CDB 
_refine.pdbx_stereochemistry_target_values       'MAXIMUM LIKELIHOOD' 
_refine.pdbx_R_Free_selection_details            RANDOM 
_refine.pdbx_stereochem_target_val_spec_case     ? 
_refine.pdbx_overall_ESU_R                       0.3480 
_refine.pdbx_overall_ESU_R_Free                  0.2550 
_refine.pdbx_solvent_vdw_probe_radii             1.2000 
_refine.pdbx_solvent_ion_probe_radii             0.8000 
_refine.pdbx_solvent_shrinkage_radii             0.8000 
_refine.pdbx_real_space_R                        ? 
_refine.pdbx_density_correlation                 ? 
_refine.pdbx_pd_number_of_powder_patterns        ? 
_refine.pdbx_pd_number_of_points                 ? 
_refine.pdbx_pd_meas_number_of_points            ? 
_refine.pdbx_pd_proc_ls_prof_R_factor            ? 
_refine.pdbx_pd_proc_ls_prof_wR_factor           ? 
_refine.pdbx_pd_Marquardt_correlation_coeff      ? 
_refine.pdbx_pd_Fsqrd_R_factor                   ? 
_refine.pdbx_pd_ls_matrix_band_width             ? 
_refine.pdbx_overall_phase_error                 ? 
_refine.pdbx_overall_SU_R_free_Cruickshank_DPI   ? 
_refine.pdbx_overall_SU_R_free_Blow_DPI          ? 
_refine.pdbx_overall_SU_R_Blow_DPI               ? 
_refine.pdbx_TLS_residual_ADP_flag               ? 
_refine.pdbx_diffrn_id                           1 
_refine.overall_SU_B                             6.3320 
_refine.overall_SU_ML                            0.1720 
_refine.overall_SU_R_Cruickshank_DPI             ? 
_refine.overall_SU_R_free                        ? 
_refine.overall_FOM_free_R_set                   ? 
_refine.overall_FOM_work_R_set                   ? 
_refine.pdbx_average_fsc_overall                 ? 
_refine.pdbx_average_fsc_work                    ? 
_refine.pdbx_average_fsc_free                    ? 
# 
_refine_hist.pdbx_refine_id                   'X-RAY DIFFRACTION' 
_refine_hist.cycle_id                         final 
_refine_hist.details                          ? 
_refine_hist.d_res_high                       2.0400 
_refine_hist.d_res_low                        29.4700 
_refine_hist.number_atoms_solvent             5 
_refine_hist.number_atoms_total               273 
_refine_hist.number_reflns_all                ? 
_refine_hist.number_reflns_obs                ? 
_refine_hist.number_reflns_R_free             ? 
_refine_hist.number_reflns_R_work             ? 
_refine_hist.R_factor_all                     ? 
_refine_hist.R_factor_obs                     ? 
_refine_hist.R_factor_R_free                  ? 
_refine_hist.R_factor_R_work                  ? 
_refine_hist.pdbx_number_residues_total       12 
_refine_hist.pdbx_B_iso_mean_ligand           39.86 
_refine_hist.pdbx_B_iso_mean_solvent          45.45 
_refine_hist.pdbx_number_atoms_protein        0 
_refine_hist.pdbx_number_atoms_nucleic_acid   233 
_refine_hist.pdbx_number_atoms_ligand         35 
_refine_hist.pdbx_number_atoms_lipid          ? 
_refine_hist.pdbx_number_atoms_carb           ? 
_refine_hist.pdbx_pseudo_atom_details         ? 
# 
loop_
_refine_ls_restr.pdbx_refine_id 
_refine_ls_restr.criterion 
_refine_ls_restr.dev_ideal 
_refine_ls_restr.dev_ideal_target 
_refine_ls_restr.number 
_refine_ls_restr.rejects 
_refine_ls_restr.type 
_refine_ls_restr.weight 
_refine_ls_restr.pdbx_restraint_function 
'X-RAY DIFFRACTION' ? 0.007 0.011 325 ? r_bond_refined_d     ? ? 
'X-RAY DIFFRACTION' ? 1.762 1.180 502 ? r_angle_refined_deg  ? ? 
'X-RAY DIFFRACTION' ? 0.128 0.200 36  ? r_chiral_restr       ? ? 
'X-RAY DIFFRACTION' ? 0.016 0.020 286 ? r_gen_planes_refined ? ? 
# 
_refine_ls_shell.pdbx_refine_id                   'X-RAY DIFFRACTION' 
_refine_ls_shell.d_res_high                       2.0450 
_refine_ls_shell.d_res_low                        2.0980 
_refine_ls_shell.number_reflns_all                154 
_refine_ls_shell.number_reflns_obs                ? 
_refine_ls_shell.number_reflns_R_free             16 
_refine_ls_shell.number_reflns_R_work             138 
_refine_ls_shell.percent_reflns_obs               100.0000 
_refine_ls_shell.percent_reflns_R_free            ? 
_refine_ls_shell.R_factor_all                     ? 
_refine_ls_shell.R_factor_obs                     ? 
_refine_ls_shell.R_factor_R_free                  0.5110 
_refine_ls_shell.R_factor_R_free_error            0.0000 
_refine_ls_shell.R_factor_R_work                  0.4690 
_refine_ls_shell.redundancy_reflns_all            ? 
_refine_ls_shell.redundancy_reflns_obs            ? 
_refine_ls_shell.wR_factor_all                    ? 
_refine_ls_shell.wR_factor_obs                    ? 
_refine_ls_shell.wR_factor_R_free                 ? 
_refine_ls_shell.wR_factor_R_work                 ? 
_refine_ls_shell.pdbx_R_complete                  ? 
_refine_ls_shell.pdbx_total_number_of_bins_used   20 
_refine_ls_shell.pdbx_phase_error                 ? 
_refine_ls_shell.pdbx_fsc_work                    ? 
_refine_ls_shell.pdbx_fsc_free                    ? 
# 
_struct.entry_id                     8AAD 
_struct.title                        
'Two carbons pendant pyridine derivative of the natural alkaloid Berberine as Human Telomeric G-quadruplex Binder' 
_struct.pdbx_model_details           ? 
_struct.pdbx_formula_weight          ? 
_struct.pdbx_formula_weight_method   ? 
_struct.pdbx_model_type_details      ? 
_struct.pdbx_CASP_flag               N 
# 
_struct_keywords.entry_id        8AAD 
_struct_keywords.text            'DRUG-DNA COMPLEX, telomeric G-quadruplex, DNA' 
_struct_keywords.pdbx_keywords   DNA 
# 
loop_
_struct_asym.id 
_struct_asym.pdbx_blank_PDB_chainid_flag 
_struct_asym.pdbx_modified 
_struct_asym.entity_id 
_struct_asym.details 
A N N 1 ? 
B N N 2 ? 
C N N 2 ? 
D N N 3 ? 
E N N 4 ? 
# 
_struct_ref.id                         1 
_struct_ref.db_name                    PDB 
_struct_ref.db_code                    8AAD 
_struct_ref.pdbx_db_accession          8AAD 
_struct_ref.pdbx_db_isoform            ? 
_struct_ref.entity_id                  1 
_struct_ref.pdbx_seq_one_letter_code   ? 
_struct_ref.pdbx_align_begin           1 
# 
_struct_ref_seq.align_id                      1 
_struct_ref_seq.ref_id                        1 
_struct_ref_seq.pdbx_PDB_id_code              8AAD 
_struct_ref_seq.pdbx_strand_id                A 
_struct_ref_seq.seq_align_beg                 1 
_struct_ref_seq.pdbx_seq_align_beg_ins_code   ? 
_struct_ref_seq.seq_align_end                 12 
_struct_ref_seq.pdbx_seq_align_end_ins_code   ? 
_struct_ref_seq.pdbx_db_accession             8AAD 
_struct_ref_seq.db_align_beg                  1 
_struct_ref_seq.pdbx_db_align_beg_ins_code    ? 
_struct_ref_seq.db_align_end                  12 
_struct_ref_seq.pdbx_db_align_end_ins_code    ? 
_struct_ref_seq.pdbx_auth_seq_align_beg       1 
_struct_ref_seq.pdbx_auth_seq_align_end       12 
# 
_pdbx_struct_assembly.id                   1 
_pdbx_struct_assembly.details              author_defined_assembly 
_pdbx_struct_assembly.method_details       ? 
_pdbx_struct_assembly.oligomeric_details   dimeric 
_pdbx_struct_assembly.oligomeric_count     2 
# 
loop_
_pdbx_struct_assembly_gen.assembly_id 
_pdbx_struct_assembly_gen.oper_expression 
_pdbx_struct_assembly_gen.asym_id_list 
1 1 A,B,C,D,E 
1 2 A,B,C,D,E 
# 
_pdbx_struct_assembly_auth_evidence.id                     1 
_pdbx_struct_assembly_auth_evidence.assembly_id            1 
_pdbx_struct_assembly_auth_evidence.experimental_support   none 
_pdbx_struct_assembly_auth_evidence.details                ? 
# 
loop_
_pdbx_struct_oper_list.id 
_pdbx_struct_oper_list.type 
_pdbx_struct_oper_list.name 
_pdbx_struct_oper_list.symmetry_operation 
_pdbx_struct_oper_list.matrix[1][1] 
_pdbx_struct_oper_list.matrix[1][2] 
_pdbx_struct_oper_list.matrix[1][3] 
_pdbx_struct_oper_list.vector[1] 
_pdbx_struct_oper_list.matrix[2][1] 
_pdbx_struct_oper_list.matrix[2][2] 
_pdbx_struct_oper_list.matrix[2][3] 
_pdbx_struct_oper_list.vector[2] 
_pdbx_struct_oper_list.matrix[3][1] 
_pdbx_struct_oper_list.matrix[3][2] 
_pdbx_struct_oper_list.matrix[3][3] 
_pdbx_struct_oper_list.vector[3] 
1 'identity operation'         1_555 x,y,z     1.0000000000  0.0000000000  0.0000000000 0.0000000000  0.0000000000  1.0000000000  0.0000000000  0.0000000000 0.0000000000 0.0000000000  1.0000000000 0.0000000000  
2 'crystal symmetry operation' 2_545 -x,-y-1,z -0.9223887806 -0.1713050018 0.3461986912 13.0468145700 -0.1713050018 -0.6218922489 -0.7641365239 1.3467556445 0.3461986912 -0.7641365239 0.5442810294 -2.2584522414 
# 
loop_
_struct_conn.id 
_struct_conn.conn_type_id 
_struct_conn.pdbx_leaving_atom_flag 
_struct_conn.pdbx_PDB_id 
_struct_conn.ptnr1_label_asym_id 
_struct_conn.ptnr1_label_comp_id 
_struct_conn.ptnr1_label_seq_id 
_struct_conn.ptnr1_label_atom_id 
_struct_conn.pdbx_ptnr1_label_alt_id 
_struct_conn.pdbx_ptnr1_PDB_ins_code 
_struct_conn.pdbx_ptnr1_standard_comp_id 
_struct_conn.ptnr1_symmetry 
_struct_conn.ptnr2_label_asym_id 
_struct_conn.ptnr2_label_comp_id 
_struct_conn.ptnr2_label_seq_id 
_struct_conn.ptnr2_label_atom_id 
_struct_conn.pdbx_ptnr2_label_alt_id 
_struct_conn.pdbx_ptnr2_PDB_ins_code 
_struct_conn.ptnr1_auth_asym_id 
_struct_conn.ptnr1_auth_comp_id 
_struct_conn.ptnr1_auth_seq_id 
_struct_conn.ptnr2_auth_asym_id 
_struct_conn.ptnr2_auth_comp_id 
_struct_conn.ptnr2_auth_seq_id 
_struct_conn.ptnr2_symmetry 
_struct_conn.pdbx_ptnr3_label_atom_id 
_struct_conn.pdbx_ptnr3_label_seq_id 
_struct_conn.pdbx_ptnr3_label_comp_id 
_struct_conn.pdbx_ptnr3_label_asym_id 
_struct_conn.pdbx_ptnr3_label_alt_id 
_struct_conn.pdbx_ptnr3_PDB_ins_code 
_struct_conn.details 
_struct_conn.pdbx_dist_value 
_struct_conn.pdbx_value_order 
_struct_conn.pdbx_role 
metalc1  metalc ? ? A DG 3  O6 ? ? ? 1_555 C K  .  K  ? ? A DG 3  A K  102 1_555 ? ? ? ? ? ? ?                       2.638 ? ? 
metalc2  metalc ? ? A DG 3  O6 ? ? ? 1_555 C K  .  K  ? ? A DG 3  A K  102 2_545 ? ? ? ? ? ? ?                       2.738 ? ? 
metalc3  metalc ? ? A DG 4  O6 ? ? ? 1_555 B K  .  K  ? ? A DG 4  A K  101 1_555 ? ? ? ? ? ? ?                       2.915 ? ? 
metalc4  metalc ? ? A DG 4  O6 ? ? ? 1_555 B K  .  K  ? ? A DG 4  A K  101 2_545 ? ? ? ? ? ? ?                       2.985 ? ? 
metalc5  metalc ? ? A DG 4  O6 ? ? ? 1_555 C K  .  K  ? ? A DG 4  A K  102 1_555 ? ? ? ? ? ? ?                       2.950 ? ? 
metalc6  metalc ? ? A DG 4  O6 ? ? ? 1_555 C K  .  K  ? ? A DG 4  A K  102 2_545 ? ? ? ? ? ? ?                       2.757 ? ? 
metalc7  metalc ? ? A DG 5  O6 ? ? ? 1_555 B K  .  K  ? ? A DG 5  A K  101 1_555 ? ? ? ? ? ? ?                       2.782 ? ? 
metalc8  metalc ? ? A DG 5  O6 ? ? ? 1_555 B K  .  K  ? ? A DG 5  A K  101 2_545 ? ? ? ? ? ? ?                       2.527 ? ? 
metalc9  metalc ? ? A DG 9  O6 ? ? ? 1_555 C K  .  K  ? ? A DG 9  A K  102 1_555 ? ? ? ? ? ? ?                       3.001 ? ? 
metalc10 metalc ? ? A DG 9  O6 ? ? ? 1_555 C K  .  K  ? ? A DG 9  A K  102 2_545 ? ? ? ? ? ? ?                       2.529 ? ? 
metalc11 metalc ? ? A DG 10 O6 ? ? ? 1_555 B K  .  K  ? ? A DG 10 A K  101 1_555 ? ? ? ? ? ? ?                       3.200 ? ? 
metalc12 metalc ? ? A DG 10 O6 ? ? ? 1_555 B K  .  K  ? ? A DG 10 A K  101 2_545 ? ? ? ? ? ? ?                       2.559 ? ? 
metalc13 metalc ? ? A DG 10 O6 ? ? ? 1_555 C K  .  K  ? ? A DG 10 A K  102 1_555 ? ? ? ? ? ? ?                       3.054 ? ? 
metalc14 metalc ? ? A DG 10 O6 ? ? ? 1_555 C K  .  K  ? ? A DG 10 A K  102 2_545 ? ? ? ? ? ? ?                       2.646 ? ? 
metalc15 metalc ? ? A DG 11 O6 ? ? ? 1_555 B K  .  K  ? ? A DG 11 A K  101 1_555 ? ? ? ? ? ? ?                       3.022 ? ? 
metalc16 metalc ? ? A DG 11 O6 ? ? ? 1_555 B K  .  K  ? ? A DG 11 A K  101 2_545 ? ? ? ? ? ? ?                       2.336 ? ? 
hydrog1  hydrog ? ? A DT 1  N3 ? ? ? 1_555 A DA 2  N1 ? ? A DT 1  A DA 2   2_545 ? ? ? ? ? ? 'REVERSED WATSON-CRICK' ?     ? ? 
hydrog2  hydrog ? ? A DT 1  O2 ? ? ? 1_555 A DA 2  N6 ? ? A DT 1  A DA 2   2_545 ? ? ? ? ? ? 'REVERSED WATSON-CRICK' ?     ? ? 
hydrog3  hydrog ? ? A DA 2  N1 ? ? ? 1_555 A DT 1  N3 ? ? A DA 2  A DT 1   2_545 ? ? ? ? ? ? 'REVERSED WATSON-CRICK' ?     ? ? 
hydrog4  hydrog ? ? A DA 2  N6 ? ? ? 1_555 A DT 1  O2 ? ? A DA 2  A DT 1   2_545 ? ? ? ? ? ? 'REVERSED WATSON-CRICK' ?     ? ? 
hydrog5  hydrog ? ? A DG 3  N1 ? ? ? 1_555 A DG 9  O6 ? ? A DG 3  A DG 9   1_555 ? ? ? ? ? ? TYPE_6_PAIR             ?     ? ? 
hydrog6  hydrog ? ? A DG 3  N2 ? ? ? 1_555 A DG 9  N7 ? ? A DG 3  A DG 9   1_555 ? ? ? ? ? ? TYPE_6_PAIR             ?     ? ? 
hydrog7  hydrog ? ? A DG 3  N7 ? ? ? 1_555 A DG 9  N2 ? ? A DG 3  A DG 9   2_545 ? ? ? ? ? ? TYPE_6_PAIR             ?     ? ? 
hydrog8  hydrog ? ? A DG 3  O6 ? ? ? 1_555 A DG 9  N1 ? ? A DG 3  A DG 9   2_545 ? ? ? ? ? ? TYPE_6_PAIR             ?     ? ? 
hydrog9  hydrog ? ? A DG 4  N1 ? ? ? 1_555 A DG 10 O6 ? ? A DG 4  A DG 10  1_555 ? ? ? ? ? ? TYPE_6_PAIR             ?     ? ? 
hydrog10 hydrog ? ? A DG 4  N2 ? ? ? 1_555 A DG 10 N7 ? ? A DG 4  A DG 10  1_555 ? ? ? ? ? ? TYPE_6_PAIR             ?     ? ? 
hydrog11 hydrog ? ? A DG 4  N7 ? ? ? 1_555 A DG 10 N2 ? ? A DG 4  A DG 10  2_545 ? ? ? ? ? ? TYPE_6_PAIR             ?     ? ? 
hydrog12 hydrog ? ? A DG 4  O6 ? ? ? 1_555 A DG 10 N1 ? ? A DG 4  A DG 10  2_545 ? ? ? ? ? ? TYPE_6_PAIR             ?     ? ? 
hydrog13 hydrog ? ? A DG 5  N1 ? ? ? 1_555 A DG 11 O6 ? ? A DG 5  A DG 11  1_555 ? ? ? ? ? ? TYPE_6_PAIR             ?     ? ? 
hydrog14 hydrog ? ? A DG 5  N2 ? ? ? 1_555 A DG 11 N7 ? ? A DG 5  A DG 11  1_555 ? ? ? ? ? ? TYPE_6_PAIR             ?     ? ? 
hydrog15 hydrog ? ? A DG 5  N7 ? ? ? 1_555 A DG 11 N2 ? ? A DG 5  A DG 11  2_545 ? ? ? ? ? ? TYPE_6_PAIR             ?     ? ? 
hydrog16 hydrog ? ? A DG 5  O6 ? ? ? 1_555 A DG 11 N1 ? ? A DG 5  A DG 11  2_545 ? ? ? ? ? ? TYPE_6_PAIR             ?     ? ? 
hydrog17 hydrog ? ? A DG 9  N1 ? ? ? 1_555 A DG 3  O6 ? ? A DG 9  A DG 3   2_545 ? ? ? ? ? ? TYPE_6_PAIR             ?     ? ? 
hydrog18 hydrog ? ? A DG 9  N2 ? ? ? 1_555 A DG 3  N7 ? ? A DG 9  A DG 3   2_545 ? ? ? ? ? ? TYPE_6_PAIR             ?     ? ? 
hydrog19 hydrog ? ? A DG 10 N1 ? ? ? 1_555 A DG 4  O6 ? ? A DG 10 A DG 4   2_545 ? ? ? ? ? ? TYPE_6_PAIR             ?     ? ? 
hydrog20 hydrog ? ? A DG 10 N2 ? ? ? 1_555 A DG 4  N7 ? ? A DG 10 A DG 4   2_545 ? ? ? ? ? ? TYPE_6_PAIR             ?     ? ? 
hydrog21 hydrog ? ? A DG 11 N1 ? ? ? 1_555 A DG 5  O6 ? ? A DG 11 A DG 5   2_545 ? ? ? ? ? ? TYPE_6_PAIR             ?     ? ? 
hydrog22 hydrog ? ? A DG 11 N2 ? ? ? 1_555 A DG 5  N7 ? ? A DG 11 A DG 5   2_545 ? ? ? ? ? ? TYPE_6_PAIR             ?     ? ? 
# 
loop_
_struct_conn_type.id 
_struct_conn_type.criteria 
_struct_conn_type.reference 
metalc ? ? 
hydrog ? ? 
# 
loop_
_pdbx_struct_conn_angle.id 
_pdbx_struct_conn_angle.ptnr1_label_atom_id 
_pdbx_struct_conn_angle.ptnr1_label_alt_id 
_pdbx_struct_conn_angle.ptnr1_label_asym_id 
_pdbx_struct_conn_angle.ptnr1_label_comp_id 
_pdbx_struct_conn_angle.ptnr1_label_seq_id 
_pdbx_struct_conn_angle.ptnr1_auth_atom_id 
_pdbx_struct_conn_angle.ptnr1_auth_asym_id 
_pdbx_struct_conn_angle.ptnr1_auth_comp_id 
_pdbx_struct_conn_angle.ptnr1_auth_seq_id 
_pdbx_struct_conn_angle.ptnr1_PDB_ins_code 
_pdbx_struct_conn_angle.ptnr1_symmetry 
_pdbx_struct_conn_angle.ptnr2_label_atom_id 
_pdbx_struct_conn_angle.ptnr2_label_alt_id 
_pdbx_struct_conn_angle.ptnr2_label_asym_id 
_pdbx_struct_conn_angle.ptnr2_label_comp_id 
_pdbx_struct_conn_angle.ptnr2_label_seq_id 
_pdbx_struct_conn_angle.ptnr2_auth_atom_id 
_pdbx_struct_conn_angle.ptnr2_auth_asym_id 
_pdbx_struct_conn_angle.ptnr2_auth_comp_id 
_pdbx_struct_conn_angle.ptnr2_auth_seq_id 
_pdbx_struct_conn_angle.ptnr2_PDB_ins_code 
_pdbx_struct_conn_angle.ptnr2_symmetry 
_pdbx_struct_conn_angle.ptnr3_label_atom_id 
_pdbx_struct_conn_angle.ptnr3_label_alt_id 
_pdbx_struct_conn_angle.ptnr3_label_asym_id 
_pdbx_struct_conn_angle.ptnr3_label_comp_id 
_pdbx_struct_conn_angle.ptnr3_label_seq_id 
_pdbx_struct_conn_angle.ptnr3_auth_atom_id 
_pdbx_struct_conn_angle.ptnr3_auth_asym_id 
_pdbx_struct_conn_angle.ptnr3_auth_comp_id 
_pdbx_struct_conn_angle.ptnr3_auth_seq_id 
_pdbx_struct_conn_angle.ptnr3_PDB_ins_code 
_pdbx_struct_conn_angle.ptnr3_symmetry 
_pdbx_struct_conn_angle.value 
_pdbx_struct_conn_angle.value_esd 
1  O6 ? A DG 3  ? A DG 3  ? 1_555 K ? C K . ? A K 102 ? 1_555 O6 ? A DG 3  ? A DG 3  ? 1_555 0.0   ? 
2  O6 ? A DG 3  ? A DG 3  ? 1_555 K ? C K . ? A K 102 ? 1_555 O6 ? A DG 4  ? A DG 4  ? 1_555 75.6  ? 
3  O6 ? A DG 3  ? A DG 3  ? 1_555 K ? C K . ? A K 102 ? 1_555 O6 ? A DG 4  ? A DG 4  ? 1_555 75.6  ? 
4  O6 ? A DG 3  ? A DG 3  ? 1_555 K ? C K . ? A K 102 ? 1_555 O6 ? A DG 4  ? A DG 4  ? 1_555 75.6  ? 
5  O6 ? A DG 3  ? A DG 3  ? 1_555 K ? C K . ? A K 102 ? 1_555 O6 ? A DG 4  ? A DG 4  ? 1_555 75.6  ? 
6  O6 ? A DG 4  ? A DG 4  ? 1_555 K ? C K . ? A K 102 ? 1_555 O6 ? A DG 4  ? A DG 4  ? 1_555 0.0   ? 
7  O6 ? A DG 3  ? A DG 3  ? 1_555 K ? C K . ? A K 102 ? 1_555 O6 ? A DG 9  ? A DG 9  ? 1_555 72.0  ? 
8  O6 ? A DG 3  ? A DG 3  ? 1_555 K ? C K . ? A K 102 ? 1_555 O6 ? A DG 9  ? A DG 9  ? 1_555 72.0  ? 
9  O6 ? A DG 4  ? A DG 4  ? 1_555 K ? C K . ? A K 102 ? 1_555 O6 ? A DG 9  ? A DG 9  ? 1_555 81.7  ? 
10 O6 ? A DG 4  ? A DG 4  ? 1_555 K ? C K . ? A K 102 ? 1_555 O6 ? A DG 9  ? A DG 9  ? 1_555 81.7  ? 
11 O6 ? A DG 3  ? A DG 3  ? 1_555 K ? C K . ? A K 102 ? 1_555 O6 ? A DG 9  ? A DG 9  ? 1_555 72.0  ? 
12 O6 ? A DG 3  ? A DG 3  ? 1_555 K ? C K . ? A K 102 ? 1_555 O6 ? A DG 9  ? A DG 9  ? 1_555 72.0  ? 
13 O6 ? A DG 4  ? A DG 4  ? 1_555 K ? C K . ? A K 102 ? 1_555 O6 ? A DG 9  ? A DG 9  ? 1_555 81.7  ? 
14 O6 ? A DG 4  ? A DG 4  ? 1_555 K ? C K . ? A K 102 ? 1_555 O6 ? A DG 9  ? A DG 9  ? 1_555 81.7  ? 
15 O6 ? A DG 9  ? A DG 9  ? 1_555 K ? C K . ? A K 102 ? 1_555 O6 ? A DG 9  ? A DG 9  ? 1_555 0.0   ? 
16 O6 ? A DG 3  ? A DG 3  ? 1_555 K ? C K . ? A K 102 ? 1_555 O6 ? A DG 10 ? A DG 10 ? 1_555 127.4 ? 
17 O6 ? A DG 3  ? A DG 3  ? 1_555 K ? C K . ? A K 102 ? 1_555 O6 ? A DG 10 ? A DG 10 ? 1_555 127.4 ? 
18 O6 ? A DG 4  ? A DG 4  ? 1_555 K ? C K . ? A K 102 ? 1_555 O6 ? A DG 10 ? A DG 10 ? 1_555 62.5  ? 
19 O6 ? A DG 4  ? A DG 4  ? 1_555 K ? C K . ? A K 102 ? 1_555 O6 ? A DG 10 ? A DG 10 ? 1_555 62.5  ? 
20 O6 ? A DG 9  ? A DG 9  ? 1_555 K ? C K . ? A K 102 ? 1_555 O6 ? A DG 10 ? A DG 10 ? 1_555 71.8  ? 
21 O6 ? A DG 9  ? A DG 9  ? 1_555 K ? C K . ? A K 102 ? 1_555 O6 ? A DG 10 ? A DG 10 ? 1_555 71.8  ? 
22 O6 ? A DG 3  ? A DG 3  ? 1_555 K ? C K . ? A K 102 ? 1_555 O6 ? A DG 10 ? A DG 10 ? 1_555 127.4 ? 
23 O6 ? A DG 3  ? A DG 3  ? 1_555 K ? C K . ? A K 102 ? 1_555 O6 ? A DG 10 ? A DG 10 ? 1_555 127.4 ? 
24 O6 ? A DG 4  ? A DG 4  ? 1_555 K ? C K . ? A K 102 ? 1_555 O6 ? A DG 10 ? A DG 10 ? 1_555 62.5  ? 
25 O6 ? A DG 4  ? A DG 4  ? 1_555 K ? C K . ? A K 102 ? 1_555 O6 ? A DG 10 ? A DG 10 ? 1_555 62.5  ? 
26 O6 ? A DG 9  ? A DG 9  ? 1_555 K ? C K . ? A K 102 ? 1_555 O6 ? A DG 10 ? A DG 10 ? 1_555 71.8  ? 
27 O6 ? A DG 9  ? A DG 9  ? 1_555 K ? C K . ? A K 102 ? 1_555 O6 ? A DG 10 ? A DG 10 ? 1_555 71.8  ? 
28 O6 ? A DG 10 ? A DG 10 ? 1_555 K ? C K . ? A K 102 ? 1_555 O6 ? A DG 10 ? A DG 10 ? 1_555 0.0   ? 
29 O6 ? A DG 4  ? A DG 4  ? 1_555 K ? B K . ? A K 101 ? 1_555 O6 ? A DG 4  ? A DG 4  ? 1_555 0.0   ? 
30 O6 ? A DG 4  ? A DG 4  ? 1_555 K ? B K . ? A K 101 ? 1_555 O6 ? A DG 5  ? A DG 5  ? 1_555 70.6  ? 
31 O6 ? A DG 4  ? A DG 4  ? 1_555 K ? B K . ? A K 101 ? 1_555 O6 ? A DG 5  ? A DG 5  ? 1_555 70.6  ? 
32 O6 ? A DG 4  ? A DG 4  ? 1_555 K ? B K . ? A K 101 ? 1_555 O6 ? A DG 5  ? A DG 5  ? 1_555 70.6  ? 
33 O6 ? A DG 4  ? A DG 4  ? 1_555 K ? B K . ? A K 101 ? 1_555 O6 ? A DG 5  ? A DG 5  ? 1_555 70.6  ? 
34 O6 ? A DG 5  ? A DG 5  ? 1_555 K ? B K . ? A K 101 ? 1_555 O6 ? A DG 5  ? A DG 5  ? 1_555 0.0   ? 
35 O6 ? A DG 4  ? A DG 4  ? 1_555 K ? B K . ? A K 101 ? 1_555 O6 ? A DG 10 ? A DG 10 ? 1_555 61.1  ? 
36 O6 ? A DG 4  ? A DG 4  ? 1_555 K ? B K . ? A K 101 ? 1_555 O6 ? A DG 10 ? A DG 10 ? 1_555 61.1  ? 
37 O6 ? A DG 5  ? A DG 5  ? 1_555 K ? B K . ? A K 101 ? 1_555 O6 ? A DG 10 ? A DG 10 ? 1_555 80.1  ? 
38 O6 ? A DG 5  ? A DG 5  ? 1_555 K ? B K . ? A K 101 ? 1_555 O6 ? A DG 10 ? A DG 10 ? 1_555 80.1  ? 
39 O6 ? A DG 4  ? A DG 4  ? 1_555 K ? B K . ? A K 101 ? 1_555 O6 ? A DG 10 ? A DG 10 ? 1_555 61.1  ? 
40 O6 ? A DG 4  ? A DG 4  ? 1_555 K ? B K . ? A K 101 ? 1_555 O6 ? A DG 10 ? A DG 10 ? 1_555 61.1  ? 
41 O6 ? A DG 5  ? A DG 5  ? 1_555 K ? B K . ? A K 101 ? 1_555 O6 ? A DG 10 ? A DG 10 ? 1_555 80.1  ? 
42 O6 ? A DG 5  ? A DG 5  ? 1_555 K ? B K . ? A K 101 ? 1_555 O6 ? A DG 10 ? A DG 10 ? 1_555 80.1  ? 
43 O6 ? A DG 10 ? A DG 10 ? 1_555 K ? B K . ? A K 101 ? 1_555 O6 ? A DG 10 ? A DG 10 ? 1_555 0.0   ? 
44 O6 ? A DG 4  ? A DG 4  ? 1_555 K ? B K . ? A K 101 ? 1_555 O6 ? A DG 11 ? A DG 11 ? 1_555 114.9 ? 
45 O6 ? A DG 4  ? A DG 4  ? 1_555 K ? B K . ? A K 101 ? 1_555 O6 ? A DG 11 ? A DG 11 ? 1_555 114.9 ? 
46 O6 ? A DG 5  ? A DG 5  ? 1_555 K ? B K . ? A K 101 ? 1_555 O6 ? A DG 11 ? A DG 11 ? 1_555 67.2  ? 
47 O6 ? A DG 5  ? A DG 5  ? 1_555 K ? B K . ? A K 101 ? 1_555 O6 ? A DG 11 ? A DG 11 ? 1_555 67.2  ? 
48 O6 ? A DG 10 ? A DG 10 ? 1_555 K ? B K . ? A K 101 ? 1_555 O6 ? A DG 11 ? A DG 11 ? 1_555 64.6  ? 
49 O6 ? A DG 10 ? A DG 10 ? 1_555 K ? B K . ? A K 101 ? 1_555 O6 ? A DG 11 ? A DG 11 ? 1_555 64.6  ? 
50 O6 ? A DG 4  ? A DG 4  ? 1_555 K ? B K . ? A K 101 ? 1_555 O6 ? A DG 11 ? A DG 11 ? 1_555 114.9 ? 
51 O6 ? A DG 4  ? A DG 4  ? 1_555 K ? B K . ? A K 101 ? 1_555 O6 ? A DG 11 ? A DG 11 ? 1_555 114.9 ? 
52 O6 ? A DG 5  ? A DG 5  ? 1_555 K ? B K . ? A K 101 ? 1_555 O6 ? A DG 11 ? A DG 11 ? 1_555 67.2  ? 
53 O6 ? A DG 5  ? A DG 5  ? 1_555 K ? B K . ? A K 101 ? 1_555 O6 ? A DG 11 ? A DG 11 ? 1_555 67.2  ? 
54 O6 ? A DG 10 ? A DG 10 ? 1_555 K ? B K . ? A K 101 ? 1_555 O6 ? A DG 11 ? A DG 11 ? 1_555 64.6  ? 
55 O6 ? A DG 10 ? A DG 10 ? 1_555 K ? B K . ? A K 101 ? 1_555 O6 ? A DG 11 ? A DG 11 ? 1_555 64.6  ? 
56 O6 ? A DG 11 ? A DG 11 ? 1_555 K ? B K . ? A K 101 ? 1_555 O6 ? A DG 11 ? A DG 11 ? 1_555 0.0   ? 
# 
loop_
_pdbx_validate_symm_contact.id 
_pdbx_validate_symm_contact.PDB_model_num 
_pdbx_validate_symm_contact.auth_atom_id_1 
_pdbx_validate_symm_contact.auth_asym_id_1 
_pdbx_validate_symm_contact.auth_comp_id_1 
_pdbx_validate_symm_contact.auth_seq_id_1 
_pdbx_validate_symm_contact.PDB_ins_code_1 
_pdbx_validate_symm_contact.label_alt_id_1 
_pdbx_validate_symm_contact.site_symmetry_1 
_pdbx_validate_symm_contact.auth_atom_id_2 
_pdbx_validate_symm_contact.auth_asym_id_2 
_pdbx_validate_symm_contact.auth_comp_id_2 
_pdbx_validate_symm_contact.auth_seq_id_2 
_pdbx_validate_symm_contact.PDB_ins_code_2 
_pdbx_validate_symm_contact.label_alt_id_2 
_pdbx_validate_symm_contact.site_symmetry_2 
_pdbx_validate_symm_contact.dist 
1 1 O2 A DT 7 ? ? 1_555 C2 A DA 8 ? B 7_645 1.48 
2 1 N3 A DT 7 ? ? 1_555 N3 A DT 7 ? ? 2_645 2.16 
# 
_pdbx_entry_details.entry_id                 8AAD 
_pdbx_entry_details.has_ligand_of_interest   Y 
_pdbx_entry_details.compound_details         ? 
_pdbx_entry_details.source_details           ? 
_pdbx_entry_details.nonpolymer_details       ? 
_pdbx_entry_details.sequence_details         ? 
# 
loop_
_chem_comp_atom.comp_id 
_chem_comp_atom.atom_id 
_chem_comp_atom.type_symbol 
_chem_comp_atom.pdbx_aromatic_flag 
_chem_comp_atom.pdbx_stereo_config 
_chem_comp_atom.pdbx_ordinal 
DA  OP3    O N N 1   
DA  P      P N N 2   
DA  OP1    O N N 3   
DA  OP2    O N N 4   
DA  "O5'"  O N N 5   
DA  "C5'"  C N N 6   
DA  "C4'"  C N R 7   
DA  "O4'"  O N N 8   
DA  "C3'"  C N S 9   
DA  "O3'"  O N N 10  
DA  "C2'"  C N N 11  
DA  "C1'"  C N R 12  
DA  N9     N Y N 13  
DA  C8     C Y N 14  
DA  N7     N Y N 15  
DA  C5     C Y N 16  
DA  C6     C Y N 17  
DA  N6     N N N 18  
DA  N1     N Y N 19  
DA  C2     C Y N 20  
DA  N3     N Y N 21  
DA  C4     C Y N 22  
DA  HOP3   H N N 23  
DA  HOP2   H N N 24  
DA  "H5'"  H N N 25  
DA  "H5''" H N N 26  
DA  "H4'"  H N N 27  
DA  "H3'"  H N N 28  
DA  "HO3'" H N N 29  
DA  "H2'"  H N N 30  
DA  "H2''" H N N 31  
DA  "H1'"  H N N 32  
DA  H8     H N N 33  
DA  H61    H N N 34  
DA  H62    H N N 35  
DA  H2     H N N 36  
DG  OP3    O N N 37  
DG  P      P N N 38  
DG  OP1    O N N 39  
DG  OP2    O N N 40  
DG  "O5'"  O N N 41  
DG  "C5'"  C N N 42  
DG  "C4'"  C N R 43  
DG  "O4'"  O N N 44  
DG  "C3'"  C N S 45  
DG  "O3'"  O N N 46  
DG  "C2'"  C N N 47  
DG  "C1'"  C N R 48  
DG  N9     N Y N 49  
DG  C8     C Y N 50  
DG  N7     N Y N 51  
DG  C5     C Y N 52  
DG  C6     C N N 53  
DG  O6     O N N 54  
DG  N1     N N N 55  
DG  C2     C N N 56  
DG  N2     N N N 57  
DG  N3     N N N 58  
DG  C4     C Y N 59  
DG  HOP3   H N N 60  
DG  HOP2   H N N 61  
DG  "H5'"  H N N 62  
DG  "H5''" H N N 63  
DG  "H4'"  H N N 64  
DG  "H3'"  H N N 65  
DG  "HO3'" H N N 66  
DG  "H2'"  H N N 67  
DG  "H2''" H N N 68  
DG  "H1'"  H N N 69  
DG  H8     H N N 70  
DG  H1     H N N 71  
DG  H21    H N N 72  
DG  H22    H N N 73  
DT  OP3    O N N 74  
DT  P      P N N 75  
DT  OP1    O N N 76  
DT  OP2    O N N 77  
DT  "O5'"  O N N 78  
DT  "C5'"  C N N 79  
DT  "C4'"  C N R 80  
DT  "O4'"  O N N 81  
DT  "C3'"  C N S 82  
DT  "O3'"  O N N 83  
DT  "C2'"  C N N 84  
DT  "C1'"  C N R 85  
DT  N1     N N N 86  
DT  C2     C N N 87  
DT  O2     O N N 88  
DT  N3     N N N 89  
DT  C4     C N N 90  
DT  O4     O N N 91  
DT  C5     C N N 92  
DT  C7     C N N 93  
DT  C6     C N N 94  
DT  HOP3   H N N 95  
DT  HOP2   H N N 96  
DT  "H5'"  H N N 97  
DT  "H5''" H N N 98  
DT  "H4'"  H N N 99  
DT  "H3'"  H N N 100 
DT  "HO3'" H N N 101 
DT  "H2'"  H N N 102 
DT  "H2''" H N N 103 
DT  "H1'"  H N N 104 
DT  H3     H N N 105 
DT  H71    H N N 106 
DT  H72    H N N 107 
DT  H73    H N N 108 
DT  H6     H N N 109 
HOH O      O N N 110 
HOH H1     H N N 111 
HOH H2     H N N 112 
K   K      K N N 113 
LKO O2     O N N 114 
LKO C2     C Y N 115 
LKO C3     C Y N 116 
LKO O3     O N N 117 
LKO C4     C Y N 118 
LKO O4     O N N 119 
LKO C5     C Y N 120 
LKO C6     C Y N 121 
LKO C1     C N N 122 
LKO O1     O N N 123 
LKO C19    C N N 124 
LKO C18    C Y N 125 
LKO C13    C Y N 126 
LKO C12    C Y N 127 
LKO C15    C Y N 128 
LKO C16    C Y N 129 
LKO C17    C Y N 130 
LKO C20    C N N 131 
LKO C11    C Y N 132 
LKO C10    C Y N 133 
LKO N1     N Y N 134 
LKO C14    C Y N 135 
LKO C7     C Y N 136 
LKO C8     C N N 137 
LKO C9     C N N 138 
LKO C21    C N N 139 
LKO C22    C N N 140 
LKO C25    C Y N 141 
LKO C26    C Y N 142 
LKO C27    C Y N 143 
LKO N2     N Y N 144 
LKO C29    C Y N 145 
LKO C30    C Y N 146 
LKO H1     H N N 147 
LKO H2     H N N 148 
LKO H3     H N N 149 
LKO H4     H N N 150 
LKO H5     H N N 151 
LKO H6     H N N 152 
LKO H7     H N N 153 
LKO H8     H N N 154 
LKO H9     H N N 155 
LKO H10    H N N 156 
LKO H11    H N N 157 
LKO H12    H N N 158 
LKO H13    H N N 159 
LKO H14    H N N 160 
LKO H15    H N N 161 
LKO H16    H N N 162 
LKO H17    H N N 163 
LKO H18    H N N 164 
LKO H19    H N N 165 
LKO H20    H N N 166 
LKO H21    H N N 167 
LKO H22    H N N 168 
LKO H23    H N N 169 
LKO H24    H N N 170 
LKO H25    H N N 171 
# 
loop_
_chem_comp_bond.comp_id 
_chem_comp_bond.atom_id_1 
_chem_comp_bond.atom_id_2 
_chem_comp_bond.value_order 
_chem_comp_bond.pdbx_aromatic_flag 
_chem_comp_bond.pdbx_stereo_config 
_chem_comp_bond.pdbx_ordinal 
DA  OP3   P      sing N N 1   
DA  OP3   HOP3   sing N N 2   
DA  P     OP1    doub N N 3   
DA  P     OP2    sing N N 4   
DA  P     "O5'"  sing N N 5   
DA  OP2   HOP2   sing N N 6   
DA  "O5'" "C5'"  sing N N 7   
DA  "C5'" "C4'"  sing N N 8   
DA  "C5'" "H5'"  sing N N 9   
DA  "C5'" "H5''" sing N N 10  
DA  "C4'" "O4'"  sing N N 11  
DA  "C4'" "C3'"  sing N N 12  
DA  "C4'" "H4'"  sing N N 13  
DA  "O4'" "C1'"  sing N N 14  
DA  "C3'" "O3'"  sing N N 15  
DA  "C3'" "C2'"  sing N N 16  
DA  "C3'" "H3'"  sing N N 17  
DA  "O3'" "HO3'" sing N N 18  
DA  "C2'" "C1'"  sing N N 19  
DA  "C2'" "H2'"  sing N N 20  
DA  "C2'" "H2''" sing N N 21  
DA  "C1'" N9     sing N N 22  
DA  "C1'" "H1'"  sing N N 23  
DA  N9    C8     sing Y N 24  
DA  N9    C4     sing Y N 25  
DA  C8    N7     doub Y N 26  
DA  C8    H8     sing N N 27  
DA  N7    C5     sing Y N 28  
DA  C5    C6     sing Y N 29  
DA  C5    C4     doub Y N 30  
DA  C6    N6     sing N N 31  
DA  C6    N1     doub Y N 32  
DA  N6    H61    sing N N 33  
DA  N6    H62    sing N N 34  
DA  N1    C2     sing Y N 35  
DA  C2    N3     doub Y N 36  
DA  C2    H2     sing N N 37  
DA  N3    C4     sing Y N 38  
DG  OP3   P      sing N N 39  
DG  OP3   HOP3   sing N N 40  
DG  P     OP1    doub N N 41  
DG  P     OP2    sing N N 42  
DG  P     "O5'"  sing N N 43  
DG  OP2   HOP2   sing N N 44  
DG  "O5'" "C5'"  sing N N 45  
DG  "C5'" "C4'"  sing N N 46  
DG  "C5'" "H5'"  sing N N 47  
DG  "C5'" "H5''" sing N N 48  
DG  "C4'" "O4'"  sing N N 49  
DG  "C4'" "C3'"  sing N N 50  
DG  "C4'" "H4'"  sing N N 51  
DG  "O4'" "C1'"  sing N N 52  
DG  "C3'" "O3'"  sing N N 53  
DG  "C3'" "C2'"  sing N N 54  
DG  "C3'" "H3'"  sing N N 55  
DG  "O3'" "HO3'" sing N N 56  
DG  "C2'" "C1'"  sing N N 57  
DG  "C2'" "H2'"  sing N N 58  
DG  "C2'" "H2''" sing N N 59  
DG  "C1'" N9     sing N N 60  
DG  "C1'" "H1'"  sing N N 61  
DG  N9    C8     sing Y N 62  
DG  N9    C4     sing Y N 63  
DG  C8    N7     doub Y N 64  
DG  C8    H8     sing N N 65  
DG  N7    C5     sing Y N 66  
DG  C5    C6     sing N N 67  
DG  C5    C4     doub Y N 68  
DG  C6    O6     doub N N 69  
DG  C6    N1     sing N N 70  
DG  N1    C2     sing N N 71  
DG  N1    H1     sing N N 72  
DG  C2    N2     sing N N 73  
DG  C2    N3     doub N N 74  
DG  N2    H21    sing N N 75  
DG  N2    H22    sing N N 76  
DG  N3    C4     sing N N 77  
DT  OP3   P      sing N N 78  
DT  OP3   HOP3   sing N N 79  
DT  P     OP1    doub N N 80  
DT  P     OP2    sing N N 81  
DT  P     "O5'"  sing N N 82  
DT  OP2   HOP2   sing N N 83  
DT  "O5'" "C5'"  sing N N 84  
DT  "C5'" "C4'"  sing N N 85  
DT  "C5'" "H5'"  sing N N 86  
DT  "C5'" "H5''" sing N N 87  
DT  "C4'" "O4'"  sing N N 88  
DT  "C4'" "C3'"  sing N N 89  
DT  "C4'" "H4'"  sing N N 90  
DT  "O4'" "C1'"  sing N N 91  
DT  "C3'" "O3'"  sing N N 92  
DT  "C3'" "C2'"  sing N N 93  
DT  "C3'" "H3'"  sing N N 94  
DT  "O3'" "HO3'" sing N N 95  
DT  "C2'" "C1'"  sing N N 96  
DT  "C2'" "H2'"  sing N N 97  
DT  "C2'" "H2''" sing N N 98  
DT  "C1'" N1     sing N N 99  
DT  "C1'" "H1'"  sing N N 100 
DT  N1    C2     sing N N 101 
DT  N1    C6     sing N N 102 
DT  C2    O2     doub N N 103 
DT  C2    N3     sing N N 104 
DT  N3    C4     sing N N 105 
DT  N3    H3     sing N N 106 
DT  C4    O4     doub N N 107 
DT  C4    C5     sing N N 108 
DT  C5    C7     sing N N 109 
DT  C5    C6     doub N N 110 
DT  C7    H71    sing N N 111 
DT  C7    H72    sing N N 112 
DT  C7    H73    sing N N 113 
DT  C6    H6     sing N N 114 
HOH O     H1     sing N N 115 
HOH O     H2     sing N N 116 
LKO O2    C1     sing N N 117 
LKO O2    C2     sing N N 118 
LKO N2    C29    doub Y N 119 
LKO N2    C27    sing Y N 120 
LKO C1    O1     sing N N 121 
LKO C21   C11    sing N N 122 
LKO C21   C22    sing N N 123 
LKO C29   C30    sing Y N 124 
LKO C20   O4     sing N N 125 
LKO C16   C15    doub Y N 126 
LKO C16   C17    sing Y N 127 
LKO C15   C12    sing Y N 128 
LKO C2    C3     doub Y N 129 
LKO C2    C4     sing Y N 130 
LKO C19   O3     sing N N 131 
LKO C27   C26    doub Y N 132 
LKO C3    O1     sing N N 133 
LKO C3    C7     sing Y N 134 
LKO C4    C5     doub Y N 135 
LKO C30   C25    doub Y N 136 
LKO C17   O4     sing N N 137 
LKO C17   C18    doub Y N 138 
LKO C11   C12    doub Y N 139 
LKO C11   C10    sing Y N 140 
LKO C12   C13    sing Y N 141 
LKO C7    C6     doub Y N 142 
LKO C9    N1     sing N N 143 
LKO C9    C8     sing N N 144 
LKO C26   C25    sing Y N 145 
LKO C25   C22    sing N N 146 
LKO C6    C5     sing Y N 147 
LKO C6    C10    sing N N 148 
LKO C5    C8     sing N N 149 
LKO C10   N1     doub Y N 150 
LKO C18   C13    sing Y N 151 
LKO C18   O3     sing N N 152 
LKO C13   C14    doub Y N 153 
LKO N1    C14    sing Y N 154 
LKO C4    H1     sing N N 155 
LKO C1    H2     sing N N 156 
LKO C19   H3     sing N N 157 
LKO C19   H4     sing N N 158 
LKO C19   H5     sing N N 159 
LKO C15   H6     sing N N 160 
LKO C16   H7     sing N N 161 
LKO C20   H8     sing N N 162 
LKO C20   H9     sing N N 163 
LKO C20   H10    sing N N 164 
LKO C14   H11    sing N N 165 
LKO C7    H12    sing N N 166 
LKO C8    H13    sing N N 167 
LKO C8    H14    sing N N 168 
LKO C9    H15    sing N N 169 
LKO C9    H16    sing N N 170 
LKO C21   H17    sing N N 171 
LKO C21   H18    sing N N 172 
LKO C22   H19    sing N N 173 
LKO C22   H20    sing N N 174 
LKO C26   H21    sing N N 175 
LKO C27   H22    sing N N 176 
LKO C29   H23    sing N N 177 
LKO C30   H24    sing N N 178 
LKO C1    H25    sing N N 179 
# 
loop_
_ndb_struct_conf_na.entry_id 
_ndb_struct_conf_na.feature 
8AAD 'double helix'    
8AAD 'quadruple helix' 
# 
loop_
_ndb_struct_na_base_pair.model_number 
_ndb_struct_na_base_pair.i_label_asym_id 
_ndb_struct_na_base_pair.i_label_comp_id 
_ndb_struct_na_base_pair.i_label_seq_id 
_ndb_struct_na_base_pair.i_symmetry 
_ndb_struct_na_base_pair.j_label_asym_id 
_ndb_struct_na_base_pair.j_label_comp_id 
_ndb_struct_na_base_pair.j_label_seq_id 
_ndb_struct_na_base_pair.j_symmetry 
_ndb_struct_na_base_pair.shear 
_ndb_struct_na_base_pair.stretch 
_ndb_struct_na_base_pair.stagger 
_ndb_struct_na_base_pair.buckle 
_ndb_struct_na_base_pair.propeller 
_ndb_struct_na_base_pair.opening 
_ndb_struct_na_base_pair.pair_number 
_ndb_struct_na_base_pair.pair_name 
_ndb_struct_na_base_pair.i_auth_asym_id 
_ndb_struct_na_base_pair.i_auth_seq_id 
_ndb_struct_na_base_pair.i_PDB_ins_code 
_ndb_struct_na_base_pair.j_auth_asym_id 
_ndb_struct_na_base_pair.j_auth_seq_id 
_ndb_struct_na_base_pair.j_PDB_ins_code 
_ndb_struct_na_base_pair.hbond_type_28 
_ndb_struct_na_base_pair.hbond_type_12 
1 A DG 3 1_555 A DG 9  1_555 1.815  3.221  -0.085 4.564   -8.022 -89.860  1 A_DG3:DG9_A  A 3 ? A 9  ? 6  3 
1 A DG 4 1_555 A DG 10 1_555 1.486  3.497  -0.077 5.186   -5.017 -90.208  2 A_DG4:DG10_A A 4 ? A 10 ? 6  3 
1 A DG 5 1_555 A DG 11 1_555 1.552  3.528  -0.431 10.572  -8.880 -91.568  3 A_DG5:DG11_A A 5 ? A 11 ? 6  3 
1 A DT 1 1_555 A DA 2  2_545 -0.292 -1.000 -0.012 -11.038 1.601  -173.278 4 A_DT1:DA2_A  A 1 ? A 2  ? 21 2 
1 A DG 9 1_555 A DG 3  2_545 1.663  3.178  -0.144 0.356   -2.782 -89.931  5 A_DG9:DG3_A  A 9 ? A 3  ? 6  3 
1 A DG 3 1_555 A DG 9  2_545 -1.663 -3.178 0.144  -0.356  2.782  89.931   6 A_DG3:DG9_A  A 3 ? A 9  ? 6  3 
1 A DT 1 2_545 A DA 2  1_555 -0.292 -1.000 -0.012 -11.038 1.601  -173.278 7 A_DT1:DA2_A  A 1 ? A 2  ? 21 2 
# 
loop_
_ndb_struct_na_base_pair_step.model_number 
_ndb_struct_na_base_pair_step.i_label_asym_id_1 
_ndb_struct_na_base_pair_step.i_label_comp_id_1 
_ndb_struct_na_base_pair_step.i_label_seq_id_1 
_ndb_struct_na_base_pair_step.i_symmetry_1 
_ndb_struct_na_base_pair_step.j_label_asym_id_1 
_ndb_struct_na_base_pair_step.j_label_comp_id_1 
_ndb_struct_na_base_pair_step.j_label_seq_id_1 
_ndb_struct_na_base_pair_step.j_symmetry_1 
_ndb_struct_na_base_pair_step.i_label_asym_id_2 
_ndb_struct_na_base_pair_step.i_label_comp_id_2 
_ndb_struct_na_base_pair_step.i_label_seq_id_2 
_ndb_struct_na_base_pair_step.i_symmetry_2 
_ndb_struct_na_base_pair_step.j_label_asym_id_2 
_ndb_struct_na_base_pair_step.j_label_comp_id_2 
_ndb_struct_na_base_pair_step.j_label_seq_id_2 
_ndb_struct_na_base_pair_step.j_symmetry_2 
_ndb_struct_na_base_pair_step.shift 
_ndb_struct_na_base_pair_step.slide 
_ndb_struct_na_base_pair_step.rise 
_ndb_struct_na_base_pair_step.tilt 
_ndb_struct_na_base_pair_step.roll 
_ndb_struct_na_base_pair_step.twist 
_ndb_struct_na_base_pair_step.x_displacement 
_ndb_struct_na_base_pair_step.y_displacement 
_ndb_struct_na_base_pair_step.helical_rise 
_ndb_struct_na_base_pair_step.inclination 
_ndb_struct_na_base_pair_step.tip 
_ndb_struct_na_base_pair_step.helical_twist 
_ndb_struct_na_base_pair_step.step_number 
_ndb_struct_na_base_pair_step.step_name 
_ndb_struct_na_base_pair_step.i_auth_asym_id_1 
_ndb_struct_na_base_pair_step.i_auth_seq_id_1 
_ndb_struct_na_base_pair_step.i_PDB_ins_code_1 
_ndb_struct_na_base_pair_step.j_auth_asym_id_1 
_ndb_struct_na_base_pair_step.j_auth_seq_id_1 
_ndb_struct_na_base_pair_step.j_PDB_ins_code_1 
_ndb_struct_na_base_pair_step.i_auth_asym_id_2 
_ndb_struct_na_base_pair_step.i_auth_seq_id_2 
_ndb_struct_na_base_pair_step.i_PDB_ins_code_2 
_ndb_struct_na_base_pair_step.j_auth_asym_id_2 
_ndb_struct_na_base_pair_step.j_auth_seq_id_2 
_ndb_struct_na_base_pair_step.j_PDB_ins_code_2 
1 A DG 3 1_555 A DG 9  1_555 A DG 4 1_555 A DG 10 1_555 -0.623 -0.794 3.287 -0.091 3.647  28.925   -2.366 1.218  3.167 7.264 0.180 
29.149   1 AA_DG3DG4:DG10DG9_AA  A 3 ? A 9  ? A 4 ? A 10 ? 
1 A DG 4 1_555 A DG 10 1_555 A DG 5 1_555 A DG 11 1_555 -0.578 -0.507 3.195 2.791  1.494  26.204   -1.494 1.984  3.084 3.280 
-6.128 26.391   2 AA_DG4DG5:DG11DG10_AA A 4 ? A 10 ? A 5 ? A 11 ? 
1 A DT 1 1_555 A DA 2  2_545 A DG 9 1_555 A DG 3  2_545 0.293  2.477  3.099 1.795  2.698  75.361   1.946  -0.188 3.179 2.206 
-1.468 75.420   3 AA_DT1DG9:DG3DA2_AA   A 1 ? A 2  ? A 9 ? A 3  ? 
1 A DG 9 1_555 A DG 3  2_545 A DG 3 1_555 A DG 9  2_545 -0.040 0.248  0.000 8.565  -3.446 -180.000 -1.611 0.907  0.000 4.012 2.282 
-180.000 4 AA_DG9DG3:DG9DG3_AA   A 9 ? A 3  ? A 3 ? A 9  ? 
# 
loop_
_pdbx_audit_support.funding_organization 
_pdbx_audit_support.country 
_pdbx_audit_support.grant_number 
_pdbx_audit_support.ordinal 
'Other private' ? 'ISP B/2021/0168' 1 
'Other private' ? 'ECR 23942_2019'  2 
# 
_pdbx_entity_instance_feature.ordinal        1 
_pdbx_entity_instance_feature.comp_id        LKO 
_pdbx_entity_instance_feature.asym_id        ? 
_pdbx_entity_instance_feature.seq_num        ? 
_pdbx_entity_instance_feature.auth_comp_id   LKO 
_pdbx_entity_instance_feature.auth_asym_id   ? 
_pdbx_entity_instance_feature.auth_seq_num   ? 
_pdbx_entity_instance_feature.feature_type   'SUBJECT OF INVESTIGATION' 
_pdbx_entity_instance_feature.details        ? 
# 
_pdbx_initial_refinement_model.id               1 
_pdbx_initial_refinement_model.entity_id_list   ? 
_pdbx_initial_refinement_model.type             'experimental model' 
_pdbx_initial_refinement_model.source_name      PDB 
_pdbx_initial_refinement_model.accession_code   5CDB 
_pdbx_initial_refinement_model.details          ? 
# 
_atom_sites.entry_id                    8AAD 
_atom_sites.Cartn_transf_matrix[1][1]   ? 
_atom_sites.Cartn_transf_matrix[1][2]   ? 
_atom_sites.Cartn_transf_matrix[1][3]   ? 
_atom_sites.Cartn_transf_matrix[2][1]   ? 
_atom_sites.Cartn_transf_matrix[2][2]   ? 
_atom_sites.Cartn_transf_matrix[2][3]   ? 
_atom_sites.Cartn_transf_matrix[3][1]   ? 
_atom_sites.Cartn_transf_matrix[3][2]   ? 
_atom_sites.Cartn_transf_matrix[3][3]   ? 
_atom_sites.Cartn_transf_vector[1]      ? 
_atom_sites.Cartn_transf_vector[2]      ? 
_atom_sites.Cartn_transf_vector[3]      ? 
_atom_sites.fract_transf_matrix[1][1]   -0.02352084 
_atom_sites.fract_transf_matrix[1][2]   -0.00229847 
_atom_sites.fract_transf_matrix[1][3]   0.00413561 
_atom_sites.fract_transf_matrix[2][1]   -0.00022152 
_atom_sites.fract_transf_matrix[2][2]   0.02148280 
_atom_sites.fract_transf_matrix[2][3]   0.01067972 
_atom_sites.fract_transf_matrix[3][1]   -0.00574151 
_atom_sites.fract_transf_matrix[3][2]   0.01267278 
_atom_sites.fract_transf_matrix[3][3]   -0.02561104 
_atom_sites.fract_transf_vector[1]      0.159654 
_atom_sites.fract_transf_vector[2]      -0.500954 
_atom_sites.fract_transf_vector[3]      -0.086956 
_atom_sites.solution_primary            ? 
_atom_sites.solution_secondary          ? 
_atom_sites.solution_hydrogens          ? 
_atom_sites.special_details             ? 
# 
loop_
_atom_type.symbol 
C 
K 
N 
O 
P 
# 
loop_
_atom_site.group_PDB 
_atom_site.id 
_atom_site.type_symbol 
_atom_site.label_atom_id 
_atom_site.label_alt_id 
_atom_site.label_comp_id 
_atom_site.label_asym_id 
_atom_site.label_entity_id 
_atom_site.label_seq_id 
_atom_site.pdbx_PDB_ins_code 
_atom_site.Cartn_x 
_atom_site.Cartn_y 
_atom_site.Cartn_z 
_atom_site.occupancy 
_atom_site.B_iso_or_equiv 
_atom_site.pdbx_formal_charge 
_atom_site.auth_seq_id 
_atom_site.auth_comp_id 
_atom_site.auth_asym_id 
_atom_site.auth_atom_id 
_atom_site.pdbx_PDB_model_num 
ATOM   1   C "C5'" . DT  A 1 1  ? 11.488  8.018   -6.358  1.00 62.45 ? 1   DT  A "C5'" 1 
ATOM   2   C "C4'" . DT  A 1 1  ? 10.143  8.089   -5.662  1.00 58.39 ? 1   DT  A "C4'" 1 
ATOM   3   O "O4'" . DT  A 1 1  ? 9.342   6.905   -5.892  1.00 51.12 ? 1   DT  A "O4'" 1 
ATOM   4   C "C3'" . DT  A 1 1  ? 10.211  8.219   -4.146  1.00 58.10 ? 1   DT  A "C3'" 1 
ATOM   5   O "O3'" . DT  A 1 1  ? 9.102   9.019   -3.715  1.00 62.22 ? 1   DT  A "O3'" 1 
ATOM   6   C "C2'" . DT  A 1 1  ? 10.150  6.772   -3.664  1.00 51.12 ? 1   DT  A "C2'" 1 
ATOM   7   C "C1'" . DT  A 1 1  ? 9.385   6.028   -4.762  1.00 43.68 ? 1   DT  A "C1'" 1 
ATOM   8   N N1    . DT  A 1 1  ? 9.955   4.741   -5.228  1.00 35.20 ? 1   DT  A N1    1 
ATOM   9   C C2    . DT  A 1 1  ? 9.088   3.705   -5.502  1.00 34.09 ? 1   DT  A C2    1 
ATOM   10  O O2    . DT  A 1 1  ? 7.887   3.759   -5.290  1.00 35.82 ? 1   DT  A O2    1 
ATOM   11  N N3    . DT  A 1 1  ? 9.687   2.579   -5.999  1.00 29.17 ? 1   DT  A N3    1 
ATOM   12  C C4    . DT  A 1 1  ? 11.025  2.396   -6.281  1.00 28.72 ? 1   DT  A C4    1 
ATOM   13  O O4    . DT  A 1 1  ? 11.415  1.312   -6.705  1.00 34.35 ? 1   DT  A O4    1 
ATOM   14  C C5    . DT  A 1 1  ? 11.881  3.507   -5.944  1.00 31.15 ? 1   DT  A C5    1 
ATOM   15  C C6    . DT  A 1 1  ? 11.308  4.619   -5.462  1.00 32.91 ? 1   DT  A C6    1 
ATOM   16  P P     . DA  A 1 2  ? 9.370   10.316  -2.844  1.00 57.91 ? 2   DA  A P     1 
ATOM   17  O OP1   . DA  A 1 2  ? 9.654   11.442  -3.772  1.00 65.25 ? 2   DA  A OP1   1 
ATOM   18  O OP2   . DA  A 1 2  ? 10.341  9.966   -1.791  1.00 66.20 ? 2   DA  A OP2   1 
ATOM   19  O "O5'" . DA  A 1 2  ? 7.982   10.536  -2.095  1.00 56.20 ? 2   DA  A "O5'" 1 
ATOM   20  C "C5'" . DA  A 1 2  ? 7.135   11.659  -2.389  1.00 46.68 ? 2   DA  A "C5'" 1 
ATOM   21  C "C4'" . DA  A 1 2  ? 5.751   11.432  -1.829  1.00 43.87 ? 2   DA  A "C4'" 1 
ATOM   22  O "O4'" . DA  A 1 2  ? 5.113   10.327  -2.510  1.00 41.29 ? 2   DA  A "O4'" 1 
ATOM   23  C "C3'" . DA  A 1 2  ? 5.687   11.108  -0.334  1.00 47.22 ? 2   DA  A "C3'" 1 
ATOM   24  O "O3'" . DA  A 1 2  ? 4.562   11.807  0.214   1.00 54.13 ? 2   DA  A "O3'" 1 
ATOM   25  C "C2'" . DA  A 1 2  ? 5.508   9.598   -0.301  1.00 41.45 ? 2   DA  A "C2'" 1 
ATOM   26  C "C1'" . DA  A 1 2  ? 4.761   9.291   -1.596  1.00 39.83 ? 2   DA  A "C1'" 1 
ATOM   27  N N9    . DA  A 1 2  ? 5.121   8.005   -2.213  1.00 33.62 ? 2   DA  A N9    1 
ATOM   28  C C8    . DA  A 1 2  ? 6.378   7.592   -2.583  1.00 27.58 ? 2   DA  A C8    1 
ATOM   29  N N7    . DA  A 1 2  ? 6.406   6.393   -3.111  1.00 32.83 ? 2   DA  A N7    1 
ATOM   30  C C5    . DA  A 1 2  ? 5.075   5.993   -3.110  1.00 29.12 ? 2   DA  A C5    1 
ATOM   31  C C6    . DA  A 1 2  ? 4.436   4.809   -3.538  1.00 27.46 ? 2   DA  A C6    1 
ATOM   32  N N6    . DA  A 1 2  ? 5.077   3.759   -4.052  1.00 28.84 ? 2   DA  A N6    1 
ATOM   33  N N1    . DA  A 1 2  ? 3.100   4.727   -3.385  1.00 28.70 ? 2   DA  A N1    1 
ATOM   34  C C2    . DA  A 1 2  ? 2.455   5.765   -2.831  1.00 32.72 ? 2   DA  A C2    1 
ATOM   35  N N3    . DA  A 1 2  ? 2.944   6.924   -2.384  1.00 29.10 ? 2   DA  A N3    1 
ATOM   36  C C4    . DA  A 1 2  ? 4.273   6.978   -2.560  1.00 29.11 ? 2   DA  A C4    1 
ATOM   37  P P     . DG  A 1 3  ? 4.337   11.897  1.797   1.00 55.46 ? 3   DG  A P     1 
ATOM   38  O OP1   . DG  A 1 3  ? 3.485   13.081  2.067   1.00 58.24 ? 3   DG  A OP1   1 
ATOM   39  O OP2   . DG  A 1 3  ? 5.652   11.728  2.464   1.00 54.59 ? 3   DG  A OP2   1 
ATOM   40  O "O5'" . DG  A 1 3  ? 3.503   10.580  2.121   1.00 51.07 ? 3   DG  A "O5'" 1 
ATOM   41  C "C5'" . DG  A 1 3  ? 2.094   10.536  1.886   1.00 38.69 ? 3   DG  A "C5'" 1 
ATOM   42  C "C4'" . DG  A 1 3  ? 1.596   9.146   2.193   1.00 37.98 ? 3   DG  A "C4'" 1 
ATOM   43  O "O4'" . DG  A 1 3  ? 2.195   8.158   1.309   1.00 29.03 ? 3   DG  A "O4'" 1 
ATOM   44  C "C3'" . DG  A 1 3  ? 1.851   8.654   3.615   1.00 36.01 ? 3   DG  A "C3'" 1 
ATOM   45  O "O3'" . DG  A 1 3  ? 0.571   8.091   3.890   1.00 48.29 ? 3   DG  A "O3'" 1 
ATOM   46  C "C2'" . DG  A 1 3  ? 2.875   7.546   3.425   1.00 29.92 ? 3   DG  A "C2'" 1 
ATOM   47  C "C1'" . DG  A 1 3  ? 2.483   6.999   2.067   1.00 29.63 ? 3   DG  A "C1'" 1 
ATOM   48  N N9    . DG  A 1 3  ? 3.541   6.245   1.370   1.00 24.89 ? 3   DG  A N9    1 
ATOM   49  C C8    . DG  A 1 3  ? 4.866   6.595   1.274   1.00 22.63 ? 3   DG  A C8    1 
ATOM   50  N N7    . DG  A 1 3  ? 5.568   5.756   0.559   1.00 23.57 ? 3   DG  A N7    1 
ATOM   51  C C5    . DG  A 1 3  ? 4.659   4.774   0.198   1.00 23.50 ? 3   DG  A C5    1 
ATOM   52  C C6    . DG  A 1 3  ? 4.840   3.605   -0.574  1.00 21.31 ? 3   DG  A C6    1 
ATOM   53  O O6    . DG  A 1 3  ? 5.897   3.153   -1.054  1.00 20.98 ? 3   DG  A O6    1 
ATOM   54  N N1    . DG  A 1 3  ? 3.650   2.902   -0.722  1.00 17.97 ? 3   DG  A N1    1 
ATOM   55  C C2    . DG  A 1 3  ? 2.427   3.307   -0.233  1.00 20.54 ? 3   DG  A C2    1 
ATOM   56  N N2    . DG  A 1 3  ? 1.368   2.533   -0.537  1.00 18.11 ? 3   DG  A N2    1 
ATOM   57  N N3    . DG  A 1 3  ? 2.247   4.407   0.469   1.00 19.89 ? 3   DG  A N3    1 
ATOM   58  C C4    . DG  A 1 3  ? 3.395   5.084   0.655   1.00 21.14 ? 3   DG  A C4    1 
ATOM   59  P P     . DG  A 1 4  ? 0.104   7.735   5.376   1.00 47.16 ? 4   DG  A P     1 
ATOM   60  O OP1   . DG  A 1 4  ? -1.070  8.587   5.689   1.00 54.24 ? 4   DG  A OP1   1 
ATOM   61  O OP2   . DG  A 1 4  ? 1.269   7.710   6.254   1.00 39.79 ? 4   DG  A OP2   1 
ATOM   62  O "O5'" . DG  A 1 4  ? -0.395  6.235   5.250   1.00 47.04 ? 4   DG  A "O5'" 1 
ATOM   63  C "C5'" . DG  A 1 4  ? -1.354  5.853   4.260   1.00 43.15 ? 4   DG  A "C5'" 1 
ATOM   64  C "C4'" . DG  A 1 4  ? -1.500  4.348   4.258   1.00 36.95 ? 4   DG  A "C4'" 1 
ATOM   65  O "O4'" . DG  A 1 4  ? -0.492  3.774   3.394   1.00 29.98 ? 4   DG  A "O4'" 1 
ATOM   66  C "C3'" . DG  A 1 4  ? -1.366  3.659   5.623   1.00 34.96 ? 4   DG  A "C3'" 1 
ATOM   67  O "O3'" . DG  A 1 4  ? -2.412  2.686   5.764   1.00 43.58 ? 4   DG  A "O3'" 1 
ATOM   68  C "C2'" . DG  A 1 4  ? -0.096  2.828   5.519   1.00 31.56 ? 4   DG  A "C2'" 1 
ATOM   69  C "C1'" . DG  A 1 4  ? 0.059   2.619   4.015   1.00 30.22 ? 4   DG  A "C1'" 1 
ATOM   70  N N9    . DG  A 1 4  ? 1.444   2.510   3.573   1.00 21.46 ? 4   DG  A N9    1 
ATOM   71  C C8    . DG  A 1 4  ? 2.456   3.425   3.735   1.00 20.14 ? 4   DG  A C8    1 
ATOM   72  N N7    . DG  A 1 4  ? 3.581   3.047   3.191   1.00 21.95 ? 4   DG  A N7    1 
ATOM   73  C C5    . DG  A 1 4  ? 3.284   1.814   2.621   1.00 20.66 ? 4   DG  A C5    1 
ATOM   74  C C6    . DG  A 1 4  ? 4.096   0.920   1.877   1.00 17.67 ? 4   DG  A C6    1 
ATOM   75  O O6    . DG  A 1 4  ? 5.290   1.029   1.574   1.00 15.77 ? 4   DG  A O6    1 
ATOM   76  N N1    . DG  A 1 4  ? 3.400   -0.228  1.519   1.00 17.10 ? 4   DG  A N1    1 
ATOM   77  C C2    . DG  A 1 4  ? 2.082   -0.478  1.818   1.00 19.58 ? 4   DG  A C2    1 
ATOM   78  N N2    . DG  A 1 4  ? 1.590   -1.653  1.405   1.00 17.53 ? 4   DG  A N2    1 
ATOM   79  N N3    . DG  A 1 4  ? 1.311   0.351   2.497   1.00 19.54 ? 4   DG  A N3    1 
ATOM   80  C C4    . DG  A 1 4  ? 1.969   1.470   2.860   1.00 20.25 ? 4   DG  A C4    1 
ATOM   81  P P     . DG  A 1 5  ? -2.800  2.123   7.206   1.00 48.02 ? 5   DG  A P     1 
ATOM   82  O OP1   . DG  A 1 5  ? -4.268  2.355   7.379   1.00 54.73 ? 5   DG  A OP1   1 
ATOM   83  O OP2   . DG  A 1 5  ? -1.816  2.587   8.193   1.00 38.87 ? 5   DG  A OP2   1 
ATOM   84  O "O5'" . DG  A 1 5  ? -2.528  0.563   7.097   1.00 41.94 ? 5   DG  A "O5'" 1 
ATOM   85  C "C5'" . DG  A 1 5  ? -2.785  -0.112  5.865   1.00 40.03 ? 5   DG  A "C5'" 1 
ATOM   86  C "C4'" . DG  A 1 5  ? -2.345  -1.550  5.989   1.00 39.38 ? 5   DG  A "C4'" 1 
ATOM   87  O "O4'" . DG  A 1 5  ? -1.109  -1.763  5.264   1.00 35.36 ? 5   DG  A "O4'" 1 
ATOM   88  C "C3'" . DG  A 1 5  ? -2.097  -2.047  7.413   1.00 40.74 ? 5   DG  A "C3'" 1 
ATOM   89  O "O3'" . DG  A 1 5  ? -2.528  -3.411  7.376   1.00 43.87 ? 5   DG  A "O3'" 1 
ATOM   90  C "C2'" . DG  A 1 5  ? -0.581  -2.002  7.546   1.00 32.05 ? 5   DG  A "C2'" 1 
ATOM   91  C "C1'" . DG  A 1 5  ? -0.129  -2.307  6.133   1.00 28.56 ? 5   DG  A "C1'" 1 
ATOM   92  N N9    . DG  A 1 5  ? 1.162   -1.728  5.769   1.00 23.83 ? 5   DG  A N9    1 
ATOM   93  C C8    . DG  A 1 5  ? 1.689   -0.518  6.140   1.00 23.26 ? 5   DG  A C8    1 
ATOM   94  N N7    . DG  A 1 5  ? 2.897   -0.323  5.686   1.00 23.86 ? 5   DG  A N7    1 
ATOM   95  C C5    . DG  A 1 5  ? 3.161   -1.455  4.928   1.00 22.50 ? 5   DG  A C5    1 
ATOM   96  C C6    . DG  A 1 5  ? 4.326   -1.831  4.212   1.00 20.83 ? 5   DG  A C6    1 
ATOM   97  O O6    . DG  A 1 5  ? 5.356   -1.174  4.023   1.00 16.05 ? 5   DG  A O6    1 
ATOM   98  N N1    . DG  A 1 5  ? 4.181   -3.085  3.621   1.00 18.30 ? 5   DG  A N1    1 
ATOM   99  C C2    . DG  A 1 5  ? 3.064   -3.882  3.732   1.00 19.66 ? 5   DG  A C2    1 
ATOM   100 N N2    . DG  A 1 5  ? 3.091   -5.045  3.094   1.00 19.02 ? 5   DG  A N2    1 
ATOM   101 N N3    . DG  A 1 5  ? 2.001   -3.562  4.431   1.00 21.84 ? 5   DG  A N3    1 
ATOM   102 C C4    . DG  A 1 5  ? 2.116   -2.347  5.004   1.00 23.53 ? 5   DG  A C4    1 
ATOM   103 P P     . DT  A 1 6  ? -3.505  -4.020  8.476   1.00 43.89 ? 6   DT  A P     1 
ATOM   104 O OP1   . DT  A 1 6  ? -3.251  -3.385  9.803   1.00 39.85 ? 6   DT  A OP1   1 
ATOM   105 O OP2   . DT  A 1 6  ? -3.477  -5.479  8.287   1.00 41.11 ? 6   DT  A OP2   1 
ATOM   106 O "O5'" . DT  A 1 6  ? -4.926  -3.426  8.069   1.00 43.30 ? 6   DT  A "O5'" 1 
ATOM   107 C "C5'" . DT  A 1 6  ? -5.605  -3.846  6.889   1.00 47.38 ? 6   DT  A "C5'" 1 
ATOM   108 C "C4'" . DT  A 1 6  ? -7.049  -3.438  7.049   1.00 52.92 ? 6   DT  A "C4'" 1 
ATOM   109 O "O4'" . DT  A 1 6  ? -7.150  -2.002  6.979   1.00 58.73 ? 6   DT  A "O4'" 1 
ATOM   110 C "C3'" . DT  A 1 6  ? -7.996  -4.005  5.999   1.00 55.09 ? 6   DT  A "C3'" 1 
ATOM   111 O "O3'" . DT  A 1 6  ? -9.055  -4.664  6.715   1.00 56.74 ? 6   DT  A "O3'" 1 
ATOM   112 C "C2'" . DT  A 1 6  ? -8.343  -2.807  5.125   1.00 60.03 ? 6   DT  A "C2'" 1 
ATOM   113 C "C1'" . DT  A 1 6  ? -8.167  -1.625  6.067   1.00 66.18 ? 6   DT  A "C1'" 1 
ATOM   114 N N1    . DT  A 1 6  ? -7.780  -0.316  5.462   1.00 78.45 ? 6   DT  A N1    1 
ATOM   115 C C2    . DT  A 1 6  ? -8.564  0.785   5.750   1.00 89.63 ? 6   DT  A C2    1 
ATOM   116 O O2    . DT  A 1 6  ? -9.561  0.732   6.451   1.00 88.75 ? 6   DT  A O2    1 
ATOM   117 N N3    . DT  A 1 6  ? -8.143  1.957   5.168   1.00 93.05 ? 6   DT  A N3    1 
ATOM   118 C C4    . DT  A 1 6  ? -7.030  2.142   4.371   1.00 97.26 ? 6   DT  A C4    1 
ATOM   119 O O4    . DT  A 1 6  ? -6.777  3.259   3.925   1.00 98.72 ? 6   DT  A O4    1 
ATOM   120 C C5    . DT  A 1 6  ? -6.242  0.950   4.124   1.00 99.72 ? 6   DT  A C5    1 
ATOM   121 C C7    . DT  A 1 6  ? -5.021  1.053   3.266   1.00 95.53 ? 6   DT  A C7    1 
ATOM   122 C C6    . DT  A 1 6  ? -6.648  -0.201  4.681   1.00 90.09 ? 6   DT  A C6    1 
ATOM   123 P P     . DT  A 1 7  ? -9.123  -6.294  6.781   1.00 57.93 ? 7   DT  A P     1 
ATOM   124 O OP1   . DT  A 1 7  ? -10.384 -6.688  7.471   1.00 63.22 ? 7   DT  A OP1   1 
ATOM   125 O OP2   . DT  A 1 7  ? -7.832  -6.795  7.295   1.00 53.72 ? 7   DT  A OP2   1 
ATOM   126 O "O5'" . DT  A 1 7  ? -9.297  -6.712  5.259   1.00 54.32 ? 7   DT  A "O5'" 1 
ATOM   127 C "C5'" . DT  A 1 7  ? -10.568 -6.479  4.640   1.00 50.34 ? 7   DT  A "C5'" 1 
ATOM   128 C "C4'" . DT  A 1 7  ? -10.449 -6.520  3.138   1.00 43.27 ? 7   DT  A "C4'" 1 
ATOM   129 O "O4'" . DT  A 1 7  ? -11.758 -6.298  2.562   1.00 41.96 ? 7   DT  A "O4'" 1 
ATOM   130 C "C3'" . DT  A 1 7  ? -9.521  -5.492  2.497   1.00 45.73 ? 7   DT  A "C3'" 1 
ATOM   131 O "O3'" . DT  A 1 7  ? -8.912  -6.150  1.367   1.00 43.74 ? 7   DT  A "O3'" 1 
ATOM   132 C "C2'" . DT  A 1 7  ? -10.472 -4.378  2.080   1.00 40.63 ? 7   DT  A "C2'" 1 
ATOM   133 C "C1'" . DT  A 1 7  ? -11.819 -5.074  1.838   1.00 42.82 ? 7   DT  A "C1'" 1 
ATOM   134 N N1    . DT  A 1 7  ? -12.986 -4.300  2.350   1.00 40.41 ? 7   DT  A N1    1 
ATOM   135 C C2    . DT  A 1 7  ? -13.264 -3.058  1.804   1.00 46.26 ? 7   DT  A C2    1 
ATOM   136 O O2    . DT  A 1 7  ? -12.652 -2.581  0.857   1.00 36.98 ? 7   DT  A O2    1 
ATOM   137 N N3    . DT  A 1 7  ? -14.296 -2.386  2.414   1.00 45.96 ? 7   DT  A N3    1 
ATOM   138 C C4    . DT  A 1 7  ? -15.060 -2.817  3.482   1.00 44.85 ? 7   DT  A C4    1 
ATOM   139 O O4    . DT  A 1 7  ? -15.987 -2.118  3.890   1.00 42.37 ? 7   DT  A O4    1 
ATOM   140 C C5    . DT  A 1 7  ? -14.701 -4.110  4.012   1.00 40.25 ? 7   DT  A C5    1 
ATOM   141 C C7    . DT  A 1 7  ? -15.467 -4.656  5.174   1.00 46.03 ? 7   DT  A C7    1 
ATOM   142 C C6    . DT  A 1 7  ? -13.689 -4.772  3.434   1.00 39.20 ? 7   DT  A C6    1 
ATOM   143 P P     A DA  A 1 8  ? -7.513  -5.660  0.789   0.50 43.62 ? 8   DA  A P     1 
ATOM   144 P P     B DA  A 1 8  ? -7.564  -5.579  0.696   0.50 46.28 ? 8   DA  A P     1 
ATOM   145 O OP1   A DA  A 1 8  ? -7.366  -6.200  -0.573  0.50 38.28 ? 8   DA  A OP1   1 
ATOM   146 O OP1   B DA  A 1 8  ? -7.455  -6.141  -0.662  0.50 40.56 ? 8   DA  A OP1   1 
ATOM   147 O OP2   A DA  A 1 8  ? -6.472  -5.895  1.822   0.50 49.79 ? 8   DA  A OP2   1 
ATOM   148 O OP2   B DA  A 1 8  ? -6.454  -5.738  1.673   0.50 51.93 ? 8   DA  A OP2   1 
ATOM   149 O "O5'" A DA  A 1 8  ? -7.705  -4.090  0.595   0.50 42.02 ? 8   DA  A "O5'" 1 
ATOM   150 O "O5'" B DA  A 1 8  ? -7.832  -4.020  0.490   0.50 45.20 ? 8   DA  A "O5'" 1 
ATOM   151 C "C5'" A DA  A 1 8  ? -8.270  -3.582  -0.615  0.50 40.01 ? 8   DA  A "C5'" 1 
ATOM   152 C "C5'" B DA  A 1 8  ? -8.511  -3.548  -0.682  0.50 47.01 ? 8   DA  A "C5'" 1 
ATOM   153 C "C4'" A DA  A 1 8  ? -8.085  -2.084  -0.690  0.50 42.22 ? 8   DA  A "C4'" 1 
ATOM   154 C "C4'" B DA  A 1 8  ? -7.927  -2.248  -1.187  0.50 51.03 ? 8   DA  A "C4'" 1 
ATOM   155 O "O4'" A DA  A 1 8  ? -9.047  -1.388  0.133   0.50 37.87 ? 8   DA  A "O4'" 1 
ATOM   156 O "O4'" B DA  A 1 8  ? -8.939  -1.214  -1.202  0.50 49.97 ? 8   DA  A "O4'" 1 
ATOM   157 C "C3'" A DA  A 1 8  ? -6.710  -1.543  -0.272  0.50 44.03 ? 8   DA  A "C3'" 1 
ATOM   158 C "C3'" B DA  A 1 8  ? -6.767  -1.633  -0.410  0.50 53.09 ? 8   DA  A "C3'" 1 
ATOM   159 O "O3'" A DA  A 1 8  ? -6.299  -0.768  -1.410  0.50 51.82 ? 8   DA  A "O3'" 1 
ATOM   160 O "O3'" B DA  A 1 8  ? -6.306  -0.740  -1.430  0.50 57.14 ? 8   DA  A "O3'" 1 
ATOM   161 C "C2'" A DA  A 1 8  ? -7.020  -0.650  0.926   0.50 37.52 ? 8   DA  A "C2'" 1 
ATOM   162 C "C2'" B DA  A 1 8  ? -7.490  -0.736  0.582   0.50 48.59 ? 8   DA  A "C2'" 1 
ATOM   163 C "C1'" A DA  A 1 8  ? -8.410  -0.195  0.548   0.50 36.56 ? 8   DA  A "C1'" 1 
ATOM   164 C "C1'" B DA  A 1 8  ? -8.509  -0.129  -0.371  0.50 46.13 ? 8   DA  A "C1'" 1 
ATOM   165 N N9    A DA  A 1 8  ? -9.245  0.427   1.567   0.50 31.89 ? 8   DA  A N9    1 
ATOM   166 N N9    B DA  A 1 8  ? -9.702  0.520   0.183   0.50 38.45 ? 8   DA  A N9    1 
ATOM   167 C C8    A DA  A 1 8  ? -9.908  -0.218  2.577   0.50 32.46 ? 8   DA  A C8    1 
ATOM   168 C C8    B DA  A 1 8  ? -9.859  1.324   1.285   0.50 39.35 ? 8   DA  A C8    1 
ATOM   169 N N7    A DA  A 1 8  ? -10.634 0.576   3.327   0.50 31.98 ? 8   DA  A N7    1 
ATOM   170 N N7    B DA  A 1 8  ? -11.083 1.782   1.437   0.50 38.90 ? 8   DA  A N7    1 
ATOM   171 C C5    A DA  A 1 8  ? -10.451 1.827   2.763   0.50 33.08 ? 8   DA  A C5    1 
ATOM   172 C C5    B DA  A 1 8  ? -11.776 1.232   0.367   0.50 37.46 ? 8   DA  A C5    1 
ATOM   173 C C6    A DA  A 1 8  ? -10.982 3.085   3.073   0.50 32.53 ? 8   DA  A C6    1 
ATOM   174 C C6    B DA  A 1 8  ? -13.119 1.329   -0.048  0.50 35.17 ? 8   DA  A C6    1 
ATOM   175 N N6    A DA  A 1 8  ? -11.809 3.304   4.097   0.50 30.98 ? 8   DA  A N6    1 
ATOM   176 N N6    B DA  A 1 8  ? -14.059 2.023   0.600   0.50 28.06 ? 8   DA  A N6    1 
ATOM   177 N N1    A DA  A 1 8  ? -10.603 4.133   2.308   0.50 32.53 ? 8   DA  A N1    1 
ATOM   178 N N1    B DA  A 1 8  ? -13.472 0.672   -1.171  0.50 36.15 ? 8   DA  A N1    1 
ATOM   179 C C2    A DA  A 1 8  ? -9.765  3.911   1.287   0.50 32.13 ? 8   DA  A C2    1 
ATOM   180 C C2    B DA  A 1 8  ? -12.541 -0.031  -1.824  0.50 36.32 ? 8   DA  A C2    1 
ATOM   181 N N3    A DA  A 1 8  ? -9.214  2.770   0.883   0.50 32.04 ? 8   DA  A N3    1 
ATOM   182 N N3    B DA  A 1 8  ? -11.246 -0.160  -1.563  0.50 37.23 ? 8   DA  A N3    1 
ATOM   183 C C4    A DA  A 1 8  ? -9.613  1.749   1.663   0.50 34.67 ? 8   DA  A C4    1 
ATOM   184 C C4    B DA  A 1 8  ? -10.927 0.489   -0.434  0.50 36.07 ? 8   DA  A C4    1 
ATOM   185 P P     . DG  A 1 9  ? -4.758  -0.397  -1.667  1.00 63.67 ? 9   DG  A P     1 
ATOM   186 O OP1   . DG  A 1 9  ? -4.190  0.165   -0.399  1.00 54.87 ? 9   DG  A OP1   1 
ATOM   187 O OP2   . DG  A 1 9  ? -4.683  0.376   -2.942  1.00 57.99 ? 9   DG  A OP2   1 
ATOM   188 O "O5'" . DG  A 1 9  ? -4.068  -1.821  -1.841  1.00 53.84 ? 9   DG  A "O5'" 1 
ATOM   189 C "C5'" . DG  A 1 9  ? -3.961  -2.447  -3.117  1.00 43.10 ? 9   DG  A "C5'" 1 
ATOM   190 C "C4'" . DG  A 1 9  ? -2.821  -3.436  -3.080  1.00 35.90 ? 9   DG  A "C4'" 1 
ATOM   191 O "O4'" . DG  A 1 9  ? -1.585  -2.734  -3.325  1.00 31.31 ? 9   DG  A "O4'" 1 
ATOM   192 C "C3'" . DG  A 1 9  ? -2.637  -4.205  -1.772  1.00 35.53 ? 9   DG  A "C3'" 1 
ATOM   193 O "O3'" . DG  A 1 9  ? -2.621  -5.551  -2.238  1.00 40.32 ? 9   DG  A "O3'" 1 
ATOM   194 C "C2'" . DG  A 1 9  ? -1.315  -3.695  -1.217  1.00 31.99 ? 9   DG  A "C2'" 1 
ATOM   195 C "C1'" . DG  A 1 9  ? -0.584  -3.209  -2.448  1.00 31.94 ? 9   DG  A "C1'" 1 
ATOM   196 N N9    . DG  A 1 9  ? 0.354   -2.111  -2.209  1.00 27.13 ? 9   DG  A N9    1 
ATOM   197 C C8    . DG  A 1 9  ? 0.070   -0.897  -1.630  1.00 23.52 ? 9   DG  A C8    1 
ATOM   198 N N7    . DG  A 1 9  ? 1.096   -0.090  -1.603  1.00 24.05 ? 9   DG  A N7    1 
ATOM   199 C C5    . DG  A 1 9  ? 2.123   -0.823  -2.180  1.00 23.93 ? 9   DG  A C5    1 
ATOM   200 C C6    . DG  A 1 9  ? 3.485   -0.487  -2.389  1.00 20.27 ? 9   DG  A C6    1 
ATOM   201 O O6    . DG  A 1 9  ? 4.073   0.571   -2.097  1.00 18.43 ? 9   DG  A O6    1 
ATOM   202 N N1    . DG  A 1 9  ? 4.178   -1.526  -3.007  1.00 17.45 ? 9   DG  A N1    1 
ATOM   203 C C2    . DG  A 1 9  ? 3.624   -2.728  -3.392  1.00 20.29 ? 9   DG  A C2    1 
ATOM   204 N N2    . DG  A 1 9  ? 4.445   -3.605  -3.999  1.00 20.89 ? 9   DG  A N2    1 
ATOM   205 N N3    . DG  A 1 9  ? 2.365   -3.059  -3.179  1.00 21.00 ? 9   DG  A N3    1 
ATOM   206 C C4    . DG  A 1 9  ? 1.667   -2.055  -2.605  1.00 23.01 ? 9   DG  A C4    1 
ATOM   207 P P     . DG  A 1 10 ? -2.157  -6.767  -1.321  1.00 44.99 ? 10  DG  A P     1 
ATOM   208 O OP1   . DG  A 1 10 ? -2.542  -8.036  -1.993  1.00 51.38 ? 10  DG  A OP1   1 
ATOM   209 O OP2   . DG  A 1 10 ? -2.530  -6.514  0.077   1.00 40.76 ? 10  DG  A OP2   1 
ATOM   210 O "O5'" . DG  A 1 10 ? -0.584  -6.774  -1.545  1.00 46.07 ? 10  DG  A "O5'" 1 
ATOM   211 C "C5'" . DG  A 1 10 ? -0.064  -7.193  -2.822  1.00 42.56 ? 10  DG  A "C5'" 1 
ATOM   212 C "C4'" . DG  A 1 10 ? 1.285   -7.848  -2.638  1.00 35.71 ? 10  DG  A "C4'" 1 
ATOM   213 O "O4'" . DG  A 1 10 ? 2.319   -6.837  -2.531  1.00 29.53 ? 10  DG  A "O4'" 1 
ATOM   214 C "C3'" . DG  A 1 10 ? 1.431   -8.770  -1.421  1.00 34.19 ? 10  DG  A "C3'" 1 
ATOM   215 O "O3'" . DG  A 1 10 ? 2.104   -9.903  -2.004  1.00 41.45 ? 10  DG  A "O3'" 1 
ATOM   216 C "C2'" . DG  A 1 10 ? 2.265   -7.963  -0.431  1.00 27.77 ? 10  DG  A "C2'" 1 
ATOM   217 C "C1'" . DG  A 1 10 ? 3.089   -7.045  -1.346  1.00 25.78 ? 10  DG  A "C1'" 1 
ATOM   218 N N9    . DG  A 1 10 ? 3.384   -5.726  -0.811  1.00 20.86 ? 10  DG  A N9    1 
ATOM   219 C C8    . DG  A 1 10 ? 2.487   -4.839  -0.275  1.00 22.14 ? 10  DG  A C8    1 
ATOM   220 N N7    . DG  A 1 10 ? 3.026   -3.697  0.041   1.00 22.02 ? 10  DG  A N7    1 
ATOM   221 C C5    . DG  A 1 10 ? 4.350   -3.825  -0.353  1.00 19.61 ? 10  DG  A C5    1 
ATOM   222 C C6    . DG  A 1 10 ? 5.427   -2.918  -0.248  1.00 17.69 ? 10  DG  A C6    1 
ATOM   223 O O6    . DG  A 1 10 ? 5.420   -1.771  0.209   1.00 16.49 ? 10  DG  A O6    1 
ATOM   224 N N1    . DG  A 1 10 ? 6.605   -3.453  -0.765  1.00 18.42 ? 10  DG  A N1    1 
ATOM   225 C C2    . DG  A 1 10 ? 6.737   -4.733  -1.262  1.00 21.19 ? 10  DG  A C2    1 
ATOM   226 N N2    . DG  A 1 10 ? 7.949   -5.095  -1.700  1.00 18.17 ? 10  DG  A N2    1 
ATOM   227 N N3    . DG  A 1 10 ? 5.740   -5.584  -1.354  1.00 20.29 ? 10  DG  A N3    1 
ATOM   228 C C4    . DG  A 1 10 ? 4.580   -5.065  -0.895  1.00 19.77 ? 10  DG  A C4    1 
ATOM   229 P P     . DG  A 1 11 ? 2.690   -11.119 -1.121  1.00 44.18 ? 11  DG  A P     1 
ATOM   230 O OP1   . DG  A 1 11 ? 2.704   -12.320 -2.008  1.00 48.76 ? 11  DG  A OP1   1 
ATOM   231 O OP2   . DG  A 1 11 ? 2.050   -11.140 0.239   1.00 38.03 ? 11  DG  A OP2   1 
ATOM   232 O "O5'" . DG  A 1 11 ? 4.202   -10.709 -0.831  1.00 44.48 ? 11  DG  A "O5'" 1 
ATOM   233 C "C5'" . DG  A 1 11 ? 5.216   -10.843 -1.832  1.00 35.90 ? 11  DG  A "C5'" 1 
ATOM   234 C "C4'" . DG  A 1 11 ? 6.572   -10.642 -1.196  1.00 37.54 ? 11  DG  A "C4'" 1 
ATOM   235 O "O4'" . DG  A 1 11 ? 6.769   -9.267  -0.781  1.00 30.84 ? 11  DG  A "O4'" 1 
ATOM   236 C "C3'" . DG  A 1 11 ? 6.886   -11.514 0.024   1.00 39.42 ? 11  DG  A "C3'" 1 
ATOM   237 O "O3'" . DG  A 1 11 ? 8.210   -12.020 -0.257  1.00 45.22 ? 11  DG  A "O3'" 1 
ATOM   238 C "C2'" . DG  A 1 11 ? 6.841   -10.534 1.197   1.00 31.50 ? 11  DG  A "C2'" 1 
ATOM   239 C "C1'" . DG  A 1 11 ? 7.308   -9.238  0.538   1.00 28.94 ? 11  DG  A "C1'" 1 
ATOM   240 N N9    . DG  A 1 11 ? 6.901   -7.966  1.148   1.00 25.57 ? 11  DG  A N9    1 
ATOM   241 C C8    . DG  A 1 11 ? 5.637   -7.581  1.527   1.00 21.74 ? 11  DG  A C8    1 
ATOM   242 N N7    . DG  A 1 11 ? 5.589   -6.361  1.991   1.00 23.03 ? 11  DG  A N7    1 
ATOM   243 C C5    . DG  A 1 11 ? 6.886   -5.887  1.837   1.00 22.00 ? 11  DG  A C5    1 
ATOM   244 C C6    . DG  A 1 11 ? 7.446   -4.631  2.155   1.00 19.29 ? 11  DG  A C6    1 
ATOM   245 O O6    . DG  A 1 11 ? 6.870   -3.614  2.569   1.00 17.85 ? 11  DG  A O6    1 
ATOM   246 N N1    . DG  A 1 11 ? 8.815   -4.596  1.894   1.00 17.82 ? 11  DG  A N1    1 
ATOM   247 C C2    . DG  A 1 11 ? 9.545   -5.633  1.354   1.00 18.99 ? 11  DG  A C2    1 
ATOM   248 N N2    . DG  A 1 11 ? 10.856  -5.419  1.170   1.00 16.93 ? 11  DG  A N2    1 
ATOM   249 N N3    . DG  A 1 11 ? 9.032   -6.805  1.049   1.00 20.95 ? 11  DG  A N3    1 
ATOM   250 C C4    . DG  A 1 11 ? 7.714   -6.874  1.343   1.00 23.45 ? 11  DG  A C4    1 
ATOM   251 P P     . DT  A 1 12 ? 8.593   -13.549 0.059   1.00 53.35 ? 12  DT  A P     1 
ATOM   252 O OP1   . DT  A 1 12 ? 8.256   -13.796 1.480   1.00 45.51 ? 12  DT  A OP1   1 
ATOM   253 O OP2   . DT  A 1 12 ? 9.973   -13.768 -0.441  1.00 45.42 ? 12  DT  A OP2   1 
ATOM   254 O "O5'" . DT  A 1 12 ? 7.597   -14.395 -0.864  1.00 41.91 ? 12  DT  A "O5'" 1 
HETATM 255 K K     . K   B 2 .  ? 7.524   -0.672  2.355   0.50 8.46  ? 101 K   A K     1 
HETATM 256 K K     . K   C 2 .  ? 6.831   0.691   -0.919  0.50 10.14 ? 102 K   A K     1 
HETATM 257 O O2    . LKO D 3 .  ? 4.785   9.078   -5.412  0.50 41.97 ? 103 LKO A O2    1 
HETATM 258 C C2    . LKO D 3 .  ? 5.234   8.043   -6.202  0.50 43.67 ? 103 LKO A C2    1 
HETATM 259 C C3    . LKO D 3 .  ? 4.198   7.199   -6.505  0.50 43.55 ? 103 LKO A C3    1 
HETATM 260 O O3    . LKO D 3 .  ? 8.401   1.008   -11.044 0.50 46.71 ? 103 LKO A O3    1 
HETATM 261 C C4    . LKO D 3 .  ? 6.489   7.856   -6.737  0.50 43.72 ? 103 LKO A C4    1 
HETATM 262 O O4    . LKO D 3 .  ? 6.645   -1.058  -11.413 0.50 42.53 ? 103 LKO A O4    1 
HETATM 263 C C5    . LKO D 3 .  ? 6.678   6.785   -7.612  0.50 41.02 ? 103 LKO A C5    1 
HETATM 264 C C6    . LKO D 3 .  ? 5.655   5.852   -7.833  0.50 40.99 ? 103 LKO A C6    1 
HETATM 265 C C1    . LKO D 3 .  ? 3.376   8.878   -5.280  0.50 45.43 ? 103 LKO A C1    1 
HETATM 266 O O1    . LKO D 3 .  ? 3.016   7.702   -6.011  0.50 43.72 ? 103 LKO A O1    1 
HETATM 267 C C19   . LKO D 3 .  ? 9.370   1.762   -10.300 0.50 39.70 ? 103 LKO A C19   1 
HETATM 268 C C18   . LKO D 3 .  ? 7.101   1.079   -10.571 0.50 42.57 ? 103 LKO A C18   1 
HETATM 269 C C13   . LKO D 3 .  ? 6.711   2.281   -9.923  0.50 40.89 ? 103 LKO A C13   1 
HETATM 270 C C12   . LKO D 3 .  ? 5.406   2.365   -9.348  0.50 41.63 ? 103 LKO A C12   1 
HETATM 271 C C15   . LKO D 3 .  ? 4.573   1.221   -9.420  0.50 44.04 ? 103 LKO A C15   1 
HETATM 272 C C16   . LKO D 3 .  ? 4.980   0.075   -10.045 0.50 42.06 ? 103 LKO A C16   1 
HETATM 273 C C17   . LKO D 3 .  ? 6.230   0.003   -10.653 0.50 42.20 ? 103 LKO A C17   1 
HETATM 274 C C20   . LKO D 3 .  ? 8.039   -1.362  -11.424 0.50 39.39 ? 103 LKO A C20   1 
HETATM 275 C C11   . LKO D 3 .  ? 5.017   3.562   -8.659  0.50 40.74 ? 103 LKO A C11   1 
HETATM 276 C C10   . LKO D 3 .  ? 5.943   4.591   -8.539  0.50 42.57 ? 103 LKO A C10   1 
HETATM 277 N N1    . LKO D 3 .  ? 7.244   4.422   -9.068  0.50 43.10 ? 103 LKO A N1    1 
HETATM 278 C C14   . LKO D 3 .  ? 7.591   3.344   -9.763  0.50 42.61 ? 103 LKO A C14   1 
HETATM 279 C C7    . LKO D 3 .  ? 4.389   6.079   -7.288  0.50 41.82 ? 103 LKO A C7    1 
HETATM 280 C C8    . LKO D 3 .  ? 7.887   6.729   -8.497  0.50 41.28 ? 103 LKO A C8    1 
HETATM 281 C C9    . LKO D 3 .  ? 8.351   5.297   -8.598  0.50 44.85 ? 103 LKO A C9    1 
HETATM 282 C C21   . LKO D 3 .  ? 3.685   3.653   -7.942  0.50 42.58 ? 103 LKO A C21   1 
HETATM 283 C C22   . LKO D 3 .  ? 2.454   3.040   -8.688  0.50 39.63 ? 103 LKO A C22   1 
HETATM 284 C C25   . LKO D 3 .  ? 1.165   3.410   -7.981  0.50 40.37 ? 103 LKO A C25   1 
HETATM 285 C C26   . LKO D 3 .  ? 0.029   2.627   -8.094  0.50 37.55 ? 103 LKO A C26   1 
HETATM 286 C C27   . LKO D 3 .  ? -1.109  2.985   -7.398  0.50 37.07 ? 103 LKO A C27   1 
HETATM 287 N N2    . LKO D 3 .  ? -1.191  4.069   -6.624  0.50 39.13 ? 103 LKO A N2    1 
HETATM 288 C C29   . LKO D 3 .  ? -0.094  4.828   -6.532  0.50 38.09 ? 103 LKO A C29   1 
HETATM 289 C C30   . LKO D 3 .  ? 1.090   4.537   -7.176  0.50 39.43 ? 103 LKO A C30   1 
HETATM 290 O O     . HOH E 4 .  ? -10.313 -1.898  -3.031  1.00 49.38 ? 201 HOH A O     1 
HETATM 291 O O     . HOH E 4 .  ? 0.412   1.093   8.499   1.00 40.90 ? 202 HOH A O     1 
HETATM 292 O O     . HOH E 4 .  ? -1.069  -2.525  2.499   1.00 41.80 ? 203 HOH A O     1 
HETATM 293 O O     . HOH E 4 .  ? -4.065  -1.823  3.431   1.00 57.78 ? 204 HOH A O     1 
HETATM 294 O O     . HOH E 4 .  ? -12.809 -4.010  6.318   0.50 29.34 ? 205 HOH A O     1 
# 
